data_7KNJ
# 
_entry.id   7KNJ 
# 
_audit_conform.dict_name       mmcif_pdbx.dic 
_audit_conform.dict_version    5.380 
_audit_conform.dict_location   http://mmcif.pdb.org/dictionaries/ascii/mmcif_pdbx.dic 
# 
loop_
_database_2.database_id 
_database_2.database_code 
_database_2.pdbx_database_accession 
_database_2.pdbx_DOI 
PDB   7KNJ         pdb_00007knj 10.2210/pdb7knj/pdb 
WWPDB D_1000252752 ?            ?                   
# 
_pdbx_database_status.status_code                     REL 
_pdbx_database_status.status_code_sf                  REL 
_pdbx_database_status.status_code_mr                  ? 
_pdbx_database_status.entry_id                        7KNJ 
_pdbx_database_status.recvd_initial_deposition_date   2020-11-04 
_pdbx_database_status.SG_entry                        N 
_pdbx_database_status.deposit_site                    RCSB 
_pdbx_database_status.process_site                    RCSB 
_pdbx_database_status.status_code_cs                  ? 
_pdbx_database_status.status_code_nmr_data            ? 
_pdbx_database_status.methods_development_category    ? 
_pdbx_database_status.pdb_format_compatible           Y 
# 
loop_
_audit_author.name 
_audit_author.pdbx_ordinal 
_audit_author.identifier_ORCID 
'Katti, S.S.' 1 0000-0001-6878-6474 
'Krieger, I.' 2 0000-0001-7144-3069 
# 
_citation.abstract                  ? 
_citation.abstract_id_CAS           ? 
_citation.book_id_ISBN              ? 
_citation.book_publisher            ? 
_citation.book_publisher_city       ? 
_citation.book_title                ? 
_citation.coordinate_linkage        ? 
_citation.country                   UK 
_citation.database_id_Medline       ? 
_citation.details                   ? 
_citation.id                        primary 
_citation.journal_abbrev            'Nat Commun' 
_citation.journal_id_ASTM           ? 
_citation.journal_id_CSD            ? 
_citation.journal_id_ISSN           2041-1723 
_citation.journal_full              ? 
_citation.journal_issue             ? 
_citation.journal_volume            13 
_citation.language                  ? 
_citation.page_first                2695 
_citation.page_last                 2695 
_citation.title                     
'Structural anatomy of Protein Kinase C C1 domain interactions with diacylglycerol and other agonists.' 
_citation.year                      2022 
_citation.database_id_CSD           ? 
_citation.pdbx_database_id_DOI      10.1038/s41467-022-30389-2 
_citation.pdbx_database_id_PubMed   35577811 
_citation.unpublished_flag          ? 
# 
loop_
_citation_author.citation_id 
_citation_author.name 
_citation_author.ordinal 
_citation_author.identifier_ORCID 
primary 'Katti, S.S.'       1 ?                   
primary 'Krieger, I.V.'     2 0000-0001-7144-3069 
primary 'Ann, J.'           3 0000-0002-5043-8014 
primary 'Lee, J.'           4 0000-0002-7832-6719 
primary 'Sacchettini, J.C.' 5 0000-0001-5767-2367 
primary 'Igumenova, T.I.'   6 0000-0003-3772-7484 
# 
_cell.angle_alpha                  90.000 
_cell.angle_alpha_esd              ? 
_cell.angle_beta                   96.920 
_cell.angle_beta_esd               ? 
_cell.angle_gamma                  90.000 
_cell.angle_gamma_esd              ? 
_cell.entry_id                     7KNJ 
_cell.details                      ? 
_cell.formula_units_Z              ? 
_cell.length_a                     34.205 
_cell.length_a_esd                 ? 
_cell.length_b                     26.138 
_cell.length_b_esd                 ? 
_cell.length_c                     58.158 
_cell.length_c_esd                 ? 
_cell.volume                       ? 
_cell.volume_esd                   ? 
_cell.Z_PDB                        4 
_cell.reciprocal_angle_alpha       ? 
_cell.reciprocal_angle_beta        ? 
_cell.reciprocal_angle_gamma       ? 
_cell.reciprocal_angle_alpha_esd   ? 
_cell.reciprocal_angle_beta_esd    ? 
_cell.reciprocal_angle_gamma_esd   ? 
_cell.reciprocal_length_a          ? 
_cell.reciprocal_length_b          ? 
_cell.reciprocal_length_c          ? 
_cell.reciprocal_length_a_esd      ? 
_cell.reciprocal_length_b_esd      ? 
_cell.reciprocal_length_c_esd      ? 
_cell.pdbx_unique_axis             ? 
# 
_symmetry.entry_id                         7KNJ 
_symmetry.cell_setting                     ? 
_symmetry.Int_Tables_number                5 
_symmetry.space_group_name_Hall            ? 
_symmetry.space_group_name_H-M             'C 1 2 1' 
_symmetry.pdbx_full_space_group_name_H-M   ? 
# 
loop_
_entity.id 
_entity.type 
_entity.src_method 
_entity.pdbx_description 
_entity.formula_weight 
_entity.pdbx_number_of_molecules 
_entity.pdbx_ec 
_entity.pdbx_mutation 
_entity.pdbx_fragment 
_entity.details 
1 polymer     man 'Protein kinase C delta type'                                                                                 
6097.217 1  2.7.11.13 ? 'C1B domain' ? 
2 non-polymer syn '(4S,7R)-7-(heptanoyloxy)-4-hydroxy-N,N,N-trimethyl-10-oxo-3,5,9-trioxa-4-phosphahexadecan-1-aminium 4-oxide' 
482.568  2  ?         ? ?            ? 
3 non-polymer syn 'ZINC ION'                                                                                                    
65.409   2  ?         ? ?            ? 
4 non-polymer syn 'Phorbol 12,13-dibutyrate'                                                                                    
504.612  1  ?         ? ?            ? 
5 water       nat water                                                                                                         
18.015   42 ?         ? ?            ? 
# 
_entity_name_com.entity_id   1 
_entity_name_com.name        nPKC-delta 
# 
_entity_poly.entity_id                      1 
_entity_poly.type                           'polypeptide(L)' 
_entity_poly.nstd_linkage                   no 
_entity_poly.nstd_monomer                   no 
_entity_poly.pdbx_seq_one_letter_code       MPHRFKVYNYMSPTFCDHCGSLLWGLVKQGLKCEDCGMNVHHKCREKVANLCG 
_entity_poly.pdbx_seq_one_letter_code_can   MPHRFKVYNYMSPTFCDHCGSLLWGLVKQGLKCEDCGMNVHHKCREKVANLCG 
_entity_poly.pdbx_strand_id                 A 
_entity_poly.pdbx_target_identifier         ? 
# 
loop_
_entity_poly_seq.entity_id 
_entity_poly_seq.num 
_entity_poly_seq.mon_id 
_entity_poly_seq.hetero 
1 1  MET n 
1 2  PRO n 
1 3  HIS n 
1 4  ARG n 
1 5  PHE n 
1 6  LYS n 
1 7  VAL n 
1 8  TYR n 
1 9  ASN n 
1 10 TYR n 
1 11 MET n 
1 12 SER n 
1 13 PRO n 
1 14 THR n 
1 15 PHE n 
1 16 CYS n 
1 17 ASP n 
1 18 HIS n 
1 19 CYS n 
1 20 GLY n 
1 21 SER n 
1 22 LEU n 
1 23 LEU n 
1 24 TRP n 
1 25 GLY n 
1 26 LEU n 
1 27 VAL n 
1 28 LYS n 
1 29 GLN n 
1 30 GLY n 
1 31 LEU n 
1 32 LYS n 
1 33 CYS n 
1 34 GLU n 
1 35 ASP n 
1 36 CYS n 
1 37 GLY n 
1 38 MET n 
1 39 ASN n 
1 40 VAL n 
1 41 HIS n 
1 42 HIS n 
1 43 LYS n 
1 44 CYS n 
1 45 ARG n 
1 46 GLU n 
1 47 LYS n 
1 48 VAL n 
1 49 ALA n 
1 50 ASN n 
1 51 LEU n 
1 52 CYS n 
1 53 GLY n 
# 
_entity_src_gen.entity_id                          1 
_entity_src_gen.pdbx_src_id                        1 
_entity_src_gen.pdbx_alt_source_flag               sample 
_entity_src_gen.pdbx_seq_type                      'Biological sequence' 
_entity_src_gen.pdbx_beg_seq_num                   1 
_entity_src_gen.pdbx_end_seq_num                   53 
_entity_src_gen.gene_src_common_name               Rat 
_entity_src_gen.gene_src_genus                     ? 
_entity_src_gen.pdbx_gene_src_gene                 'Prkcd, rCG_42255' 
_entity_src_gen.gene_src_species                   ? 
_entity_src_gen.gene_src_strain                    ? 
_entity_src_gen.gene_src_tissue                    ? 
_entity_src_gen.gene_src_tissue_fraction           ? 
_entity_src_gen.gene_src_details                   ? 
_entity_src_gen.pdbx_gene_src_fragment             ? 
_entity_src_gen.pdbx_gene_src_scientific_name      'Rattus norvegicus' 
_entity_src_gen.pdbx_gene_src_ncbi_taxonomy_id     10116 
_entity_src_gen.pdbx_gene_src_variant              ? 
_entity_src_gen.pdbx_gene_src_cell_line            ? 
_entity_src_gen.pdbx_gene_src_atcc                 ? 
_entity_src_gen.pdbx_gene_src_organ                ? 
_entity_src_gen.pdbx_gene_src_organelle            ? 
_entity_src_gen.pdbx_gene_src_cell                 ? 
_entity_src_gen.pdbx_gene_src_cellular_location    ? 
_entity_src_gen.host_org_common_name               ? 
_entity_src_gen.pdbx_host_org_scientific_name      'Escherichia coli BL21(DE3)' 
_entity_src_gen.pdbx_host_org_ncbi_taxonomy_id     469008 
_entity_src_gen.host_org_genus                     ? 
_entity_src_gen.pdbx_host_org_gene                 ? 
_entity_src_gen.pdbx_host_org_organ                ? 
_entity_src_gen.host_org_species                   ? 
_entity_src_gen.pdbx_host_org_tissue               ? 
_entity_src_gen.pdbx_host_org_tissue_fraction      ? 
_entity_src_gen.pdbx_host_org_strain               ? 
_entity_src_gen.pdbx_host_org_variant              ? 
_entity_src_gen.pdbx_host_org_cell_line            ? 
_entity_src_gen.pdbx_host_org_atcc                 ? 
_entity_src_gen.pdbx_host_org_culture_collection   ? 
_entity_src_gen.pdbx_host_org_cell                 ? 
_entity_src_gen.pdbx_host_org_organelle            ? 
_entity_src_gen.pdbx_host_org_cellular_location    ? 
_entity_src_gen.pdbx_host_org_vector_type          ? 
_entity_src_gen.pdbx_host_org_vector               ? 
_entity_src_gen.host_org_details                   ? 
_entity_src_gen.expression_system_id               ? 
_entity_src_gen.plasmid_name                       ? 
_entity_src_gen.plasmid_details                    ? 
_entity_src_gen.pdbx_description                   ? 
# 
_struct_ref.id                         1 
_struct_ref.db_name                    UNP 
_struct_ref.db_code                    A0A140UHX0_RAT 
_struct_ref.pdbx_db_accession          A0A140UHX0 
_struct_ref.pdbx_db_isoform            ? 
_struct_ref.entity_id                  1 
_struct_ref.pdbx_seq_one_letter_code   MPHRFKVYNYMSPTFCDHCGSLLWGLVKQGLKCEDCGMNVHHKCREKVANLCG 
_struct_ref.pdbx_align_begin           229 
# 
_struct_ref_seq.align_id                      1 
_struct_ref_seq.ref_id                        1 
_struct_ref_seq.pdbx_PDB_id_code              7KNJ 
_struct_ref_seq.pdbx_strand_id                A 
_struct_ref_seq.seq_align_beg                 1 
_struct_ref_seq.pdbx_seq_align_beg_ins_code   ? 
_struct_ref_seq.seq_align_end                 53 
_struct_ref_seq.pdbx_seq_align_end_ins_code   ? 
_struct_ref_seq.pdbx_db_accession             A0A140UHX0 
_struct_ref_seq.db_align_beg                  229 
_struct_ref_seq.pdbx_db_align_beg_ins_code    ? 
_struct_ref_seq.db_align_end                  281 
_struct_ref_seq.pdbx_db_align_end_ins_code    ? 
_struct_ref_seq.pdbx_auth_seq_align_beg       229 
_struct_ref_seq.pdbx_auth_seq_align_end       281 
# 
loop_
_chem_comp.id 
_chem_comp.type 
_chem_comp.mon_nstd_flag 
_chem_comp.name 
_chem_comp.pdbx_synonyms 
_chem_comp.formula 
_chem_comp.formula_weight 
ALA 'L-peptide linking' y ALANINE ? 'C3 H7 N O2'       89.093  
ARG 'L-peptide linking' y ARGININE ? 'C6 H15 N4 O2 1'   175.209 
ASN 'L-peptide linking' y ASPARAGINE ? 'C4 H8 N2 O3'      132.118 
ASP 'L-peptide linking' y 'ASPARTIC ACID' ? 'C4 H7 N O4'       133.103 
CYS 'L-peptide linking' y CYSTEINE ? 'C3 H7 N O2 S'     121.158 
GLN 'L-peptide linking' y GLUTAMINE ? 'C5 H10 N2 O3'     146.144 
GLU 'L-peptide linking' y 'GLUTAMIC ACID' ? 'C5 H9 N O4'       147.129 
GLY 'peptide linking'   y GLYCINE ? 'C2 H5 N O2'       75.067  
HIS 'L-peptide linking' y HISTIDINE ? 'C6 H10 N3 O2 1'   156.162 
HOH non-polymer         . WATER ? 'H2 O'             18.015  
LEU 'L-peptide linking' y LEUCINE ? 'C6 H13 N O2'      131.173 
LYS 'L-peptide linking' y LYSINE ? 'C6 H15 N2 O2 1'   147.195 
MET 'L-peptide linking' y METHIONINE ? 'C5 H11 N O2 S'    149.211 
PHE 'L-peptide linking' y PHENYLALANINE ? 'C9 H11 N O2'      165.189 
PRO 'L-peptide linking' y PROLINE ? 'C5 H9 N O2'       115.130 
SER 'L-peptide linking' y SERINE ? 'C3 H7 N O3'       105.093 
THR 'L-peptide linking' y THREONINE ? 'C4 H9 N O3'       119.119 
TRP 'L-peptide linking' y TRYPTOPHAN ? 'C11 H12 N2 O2'    204.225 
TYR 'L-peptide linking' y TYROSINE ? 'C9 H11 N O3'      181.189 
VAL 'L-peptide linking' y VALINE ? 'C5 H11 N O2'      117.146 
WTS non-polymer         . 'Phorbol 12,13-dibutyrate' 
;(1aR,1bS,4aR,7aS,7bS,8R,9R,9aS)-4a,7b-dihydroxy-3-(hydroxymethyl)-1,1,6,8-tetramethyl-5-oxo-1,1a,1b,4,4a,5,7a,7b,8,9-decahydro-9aH-cyclopropa[3,4]benzo[1,2-e]azulene-9,9a-diyl dibutanoate
;
'C28 H40 O8'       504.612 
XP5 non-polymer         . 
'(4S,7R)-7-(heptanoyloxy)-4-hydroxy-N,N,N-trimethyl-10-oxo-3,5,9-trioxa-4-phosphahexadecan-1-aminium 4-oxide' ? 'C22 H45 N O8 P 1' 
482.568 
ZN  non-polymer         . 'ZINC ION' ? 'Zn 2'             65.409  
# 
_exptl.absorpt_coefficient_mu     ? 
_exptl.absorpt_correction_T_max   ? 
_exptl.absorpt_correction_T_min   ? 
_exptl.absorpt_correction_type    ? 
_exptl.absorpt_process_details    ? 
_exptl.entry_id                   7KNJ 
_exptl.crystals_number            1 
_exptl.details                    ? 
_exptl.method                     'X-RAY DIFFRACTION' 
_exptl.method_details             ? 
# 
_exptl_crystal.colour                      ? 
_exptl_crystal.density_diffrn              ? 
_exptl_crystal.density_Matthews            2.12 
_exptl_crystal.density_method              ? 
_exptl_crystal.density_percent_sol         41.88 
_exptl_crystal.description                 ? 
_exptl_crystal.F_000                       ? 
_exptl_crystal.id                          1 
_exptl_crystal.preparation                 ? 
_exptl_crystal.size_max                    ? 
_exptl_crystal.size_mid                    ? 
_exptl_crystal.size_min                    ? 
_exptl_crystal.size_rad                    ? 
_exptl_crystal.colour_lustre               ? 
_exptl_crystal.colour_modifier             ? 
_exptl_crystal.colour_primary              ? 
_exptl_crystal.density_meas                ? 
_exptl_crystal.density_meas_esd            ? 
_exptl_crystal.density_meas_gt             ? 
_exptl_crystal.density_meas_lt             ? 
_exptl_crystal.density_meas_temp           ? 
_exptl_crystal.density_meas_temp_esd       ? 
_exptl_crystal.density_meas_temp_gt        ? 
_exptl_crystal.density_meas_temp_lt        ? 
_exptl_crystal.pdbx_crystal_image_url      ? 
_exptl_crystal.pdbx_crystal_image_format   ? 
_exptl_crystal.pdbx_mosaicity              ? 
_exptl_crystal.pdbx_mosaicity_esd          ? 
# 
_exptl_crystal_grow.apparatus       ? 
_exptl_crystal_grow.atmosphere      ? 
_exptl_crystal_grow.crystal_id      1 
_exptl_crystal_grow.details         ? 
_exptl_crystal_grow.method          'VAPOR DIFFUSION, HANGING DROP' 
_exptl_crystal_grow.method_ref      ? 
_exptl_crystal_grow.pH              6.5 
_exptl_crystal_grow.pressure        ? 
_exptl_crystal_grow.pressure_esd    ? 
_exptl_crystal_grow.seeding         ? 
_exptl_crystal_grow.seeding_ref     ? 
_exptl_crystal_grow.temp            277.15 
_exptl_crystal_grow.temp_details    ? 
_exptl_crystal_grow.temp_esd        ? 
_exptl_crystal_grow.time            ? 
_exptl_crystal_grow.pdbx_details    
;Screen condition: 
0.2 M Ammonium acetate,
0.1 M Sodium phosphate,
30% Isopropanol,
pH 6.8,

Drop condition:
Protein: 2 mM in MES pH 6.5, 150 mM KCl,
Phosphatidylcholine: 20 mM,
Phorbol ester: 2.5 mM
;
_exptl_crystal_grow.pdbx_pH_range   ? 
# 
_diffrn.ambient_environment              ? 
_diffrn.ambient_temp                     120 
_diffrn.ambient_temp_details             ? 
_diffrn.ambient_temp_esd                 ? 
_diffrn.crystal_id                       1 
_diffrn.crystal_support                  ? 
_diffrn.crystal_treatment                ? 
_diffrn.details                          ? 
_diffrn.id                               1 
_diffrn.ambient_pressure                 ? 
_diffrn.ambient_pressure_esd             ? 
_diffrn.ambient_pressure_gt              ? 
_diffrn.ambient_pressure_lt              ? 
_diffrn.ambient_temp_gt                  ? 
_diffrn.ambient_temp_lt                  ? 
_diffrn.pdbx_serial_crystal_experiment   N 
# 
_diffrn_detector.details                      ? 
_diffrn_detector.detector                     PIXEL 
_diffrn_detector.diffrn_id                    1 
_diffrn_detector.type                         'Bruker PHOTON II' 
_diffrn_detector.area_resol_mean              ? 
_diffrn_detector.dtime                        ? 
_diffrn_detector.pdbx_frames_total            ? 
_diffrn_detector.pdbx_collection_time_total   ? 
_diffrn_detector.pdbx_collection_date         2020-09-05 
_diffrn_detector.pdbx_frequency               ? 
# 
_diffrn_radiation.collimation                      ? 
_diffrn_radiation.diffrn_id                        1 
_diffrn_radiation.filter_edge                      ? 
_diffrn_radiation.inhomogeneity                    ? 
_diffrn_radiation.monochromator                    ? 
_diffrn_radiation.polarisn_norm                    ? 
_diffrn_radiation.polarisn_ratio                   ? 
_diffrn_radiation.probe                            ? 
_diffrn_radiation.type                             ? 
_diffrn_radiation.xray_symbol                      ? 
_diffrn_radiation.wavelength_id                    1 
_diffrn_radiation.pdbx_monochromatic_or_laue_m_l   M 
_diffrn_radiation.pdbx_wavelength_list             ? 
_diffrn_radiation.pdbx_wavelength                  ? 
_diffrn_radiation.pdbx_diffrn_protocol             'SINGLE WAVELENGTH' 
_diffrn_radiation.pdbx_analyzer                    ? 
_diffrn_radiation.pdbx_scattering_type             x-ray 
# 
_diffrn_radiation_wavelength.id           1 
_diffrn_radiation_wavelength.wavelength   1.54 
_diffrn_radiation_wavelength.wt           1.0 
# 
_diffrn_source.current                     ? 
_diffrn_source.details                     ? 
_diffrn_source.diffrn_id                   1 
_diffrn_source.power                       ? 
_diffrn_source.size                        ? 
_diffrn_source.source                      'ROTATING ANODE' 
_diffrn_source.target                      ? 
_diffrn_source.type                        'RIGAKU MICROMAX-007 HF' 
_diffrn_source.voltage                     ? 
_diffrn_source.take-off_angle              ? 
_diffrn_source.pdbx_wavelength_list        1.54 
_diffrn_source.pdbx_wavelength             ? 
_diffrn_source.pdbx_synchrotron_beamline   ? 
_diffrn_source.pdbx_synchrotron_site       ? 
# 
_reflns.B_iso_Wilson_estimate            ? 
_reflns.entry_id                         7KNJ 
_reflns.data_reduction_details           ? 
_reflns.data_reduction_method            ? 
_reflns.d_resolution_high                1.57 
_reflns.d_resolution_low                 57.7 
_reflns.details                          ? 
_reflns.limit_h_max                      ? 
_reflns.limit_h_min                      ? 
_reflns.limit_k_max                      ? 
_reflns.limit_k_min                      ? 
_reflns.limit_l_max                      ? 
_reflns.limit_l_min                      ? 
_reflns.number_all                       ? 
_reflns.number_obs                       6195 
_reflns.observed_criterion               ? 
_reflns.observed_criterion_F_max         ? 
_reflns.observed_criterion_F_min         ? 
_reflns.observed_criterion_I_max         ? 
_reflns.observed_criterion_I_min         ? 
_reflns.observed_criterion_sigma_F       ? 
_reflns.observed_criterion_sigma_I       ? 
_reflns.percent_possible_obs             85 
_reflns.R_free_details                   ? 
_reflns.Rmerge_F_all                     ? 
_reflns.Rmerge_F_obs                     ? 
_reflns.Friedel_coverage                 ? 
_reflns.number_gt                        ? 
_reflns.threshold_expression             ? 
_reflns.pdbx_redundancy                  5.7 
_reflns.pdbx_Rmerge_I_obs                0.0548 
_reflns.pdbx_Rmerge_I_all                ? 
_reflns.pdbx_Rsym_value                  ? 
_reflns.pdbx_netI_over_av_sigmaI         ? 
_reflns.pdbx_netI_over_sigmaI            21.05 
_reflns.pdbx_res_netI_over_av_sigmaI_2   ? 
_reflns.pdbx_res_netI_over_sigmaI_2      ? 
_reflns.pdbx_chi_squared                 ? 
_reflns.pdbx_scaling_rejects             ? 
_reflns.pdbx_d_res_high_opt              ? 
_reflns.pdbx_d_res_low_opt               ? 
_reflns.pdbx_d_res_opt_method            ? 
_reflns.phase_calculation_details        ? 
_reflns.pdbx_Rrim_I_all                  ? 
_reflns.pdbx_Rpim_I_all                  ? 
_reflns.pdbx_d_opt                       ? 
_reflns.pdbx_number_measured_all         ? 
_reflns.pdbx_diffrn_id                   1 
_reflns.pdbx_ordinal                     1 
_reflns.pdbx_CC_half                     ? 
_reflns.pdbx_CC_star                     ? 
_reflns.pdbx_R_split                     ? 
# 
_reflns_shell.d_res_high                  1.57 
_reflns_shell.d_res_low                   1.67 
_reflns_shell.meanI_over_sigI_all         ? 
_reflns_shell.meanI_over_sigI_obs         ? 
_reflns_shell.number_measured_all         ? 
_reflns_shell.number_measured_obs         ? 
_reflns_shell.number_possible             1217 
_reflns_shell.number_unique_all           ? 
_reflns_shell.number_unique_obs           414 
_reflns_shell.percent_possible_all        34.0 
_reflns_shell.percent_possible_obs        ? 
_reflns_shell.Rmerge_F_all                ? 
_reflns_shell.Rmerge_F_obs                ? 
_reflns_shell.Rmerge_I_all                ? 
_reflns_shell.Rmerge_I_obs                0.2054 
_reflns_shell.meanI_over_sigI_gt          ? 
_reflns_shell.meanI_over_uI_all           ? 
_reflns_shell.meanI_over_uI_gt            ? 
_reflns_shell.number_measured_gt          ? 
_reflns_shell.number_unique_gt            ? 
_reflns_shell.percent_possible_gt         ? 
_reflns_shell.Rmerge_F_gt                 ? 
_reflns_shell.Rmerge_I_gt                 ? 
_reflns_shell.pdbx_redundancy             0.44 
_reflns_shell.pdbx_Rsym_value             ? 
_reflns_shell.pdbx_chi_squared            ? 
_reflns_shell.pdbx_netI_over_sigmaI_all   ? 
_reflns_shell.pdbx_netI_over_sigmaI_obs   ? 
_reflns_shell.pdbx_Rrim_I_all             ? 
_reflns_shell.pdbx_Rpim_I_all             ? 
_reflns_shell.pdbx_rejects                ? 
_reflns_shell.pdbx_ordinal                1 
_reflns_shell.pdbx_diffrn_id              1 
_reflns_shell.pdbx_CC_half                ? 
_reflns_shell.pdbx_CC_star                ? 
_reflns_shell.pdbx_R_split                ? 
# 
_refine.aniso_B[1][1]                            ? 
_refine.aniso_B[1][2]                            ? 
_refine.aniso_B[1][3]                            ? 
_refine.aniso_B[2][2]                            ? 
_refine.aniso_B[2][3]                            ? 
_refine.aniso_B[3][3]                            ? 
_refine.B_iso_max                                82.570 
_refine.B_iso_mean                               19.1568 
_refine.B_iso_min                                4.970 
_refine.correlation_coeff_Fo_to_Fc               ? 
_refine.correlation_coeff_Fo_to_Fc_free          ? 
_refine.details                                  ? 
_refine.diff_density_max                         ? 
_refine.diff_density_max_esd                     ? 
_refine.diff_density_min                         ? 
_refine.diff_density_min_esd                     ? 
_refine.diff_density_rms                         ? 
_refine.diff_density_rms_esd                     ? 
_refine.entry_id                                 7KNJ 
_refine.pdbx_refine_id                           'X-RAY DIFFRACTION' 
_refine.ls_abs_structure_details                 ? 
_refine.ls_abs_structure_Flack                   ? 
_refine.ls_abs_structure_Flack_esd               ? 
_refine.ls_abs_structure_Rogers                  ? 
_refine.ls_abs_structure_Rogers_esd              ? 
_refine.ls_d_res_high                            1.5700 
_refine.ls_d_res_low                             19.2400 
_refine.ls_extinction_coef                       ? 
_refine.ls_extinction_coef_esd                   ? 
_refine.ls_extinction_expression                 ? 
_refine.ls_extinction_method                     ? 
_refine.ls_goodness_of_fit_all                   ? 
_refine.ls_goodness_of_fit_all_esd               ? 
_refine.ls_goodness_of_fit_obs                   ? 
_refine.ls_goodness_of_fit_obs_esd               ? 
_refine.ls_hydrogen_treatment                    ? 
_refine.ls_matrix_type                           ? 
_refine.ls_number_constraints                    ? 
_refine.ls_number_parameters                     ? 
_refine.ls_number_reflns_all                     ? 
_refine.ls_number_reflns_obs                     6195 
_refine.ls_number_reflns_R_free                  343 
_refine.ls_number_reflns_R_work                  5852 
_refine.ls_number_restraints                     ? 
_refine.ls_percent_reflns_obs                    84.9000 
_refine.ls_percent_reflns_R_free                 5.5400 
_refine.ls_R_factor_all                          ? 
_refine.ls_R_factor_obs                          0.1799 
_refine.ls_R_factor_R_free                       0.2251 
_refine.ls_R_factor_R_free_error                 ? 
_refine.ls_R_factor_R_free_error_details         ? 
_refine.ls_R_factor_R_work                       0.1775 
_refine.ls_R_Fsqd_factor_obs                     ? 
_refine.ls_R_I_factor_obs                        ? 
_refine.ls_redundancy_reflns_all                 ? 
_refine.ls_redundancy_reflns_obs                 ? 
_refine.ls_restrained_S_all                      ? 
_refine.ls_restrained_S_obs                      ? 
_refine.ls_shift_over_esd_max                    ? 
_refine.ls_shift_over_esd_mean                   ? 
_refine.ls_structure_factor_coef                 ? 
_refine.ls_weighting_details                     ? 
_refine.ls_weighting_scheme                      ? 
_refine.ls_wR_factor_all                         ? 
_refine.ls_wR_factor_obs                         ? 
_refine.ls_wR_factor_R_free                      ? 
_refine.ls_wR_factor_R_work                      ? 
_refine.occupancy_max                            ? 
_refine.occupancy_min                            ? 
_refine.solvent_model_details                    'FLAT BULK SOLVENT MODEL' 
_refine.solvent_model_param_bsol                 ? 
_refine.solvent_model_param_ksol                 ? 
_refine.pdbx_R_complete                          ? 
_refine.ls_R_factor_gt                           ? 
_refine.ls_goodness_of_fit_gt                    ? 
_refine.ls_goodness_of_fit_ref                   ? 
_refine.ls_shift_over_su_max                     ? 
_refine.ls_shift_over_su_max_lt                  ? 
_refine.ls_shift_over_su_mean                    ? 
_refine.ls_shift_over_su_mean_lt                 ? 
_refine.pdbx_ls_sigma_I                          ? 
_refine.pdbx_ls_sigma_F                          1.420 
_refine.pdbx_ls_sigma_Fsqd                       ? 
_refine.pdbx_data_cutoff_high_absF               ? 
_refine.pdbx_data_cutoff_high_rms_absF           ? 
_refine.pdbx_data_cutoff_low_absF                ? 
_refine.pdbx_isotropic_thermal_model             ? 
_refine.pdbx_ls_cross_valid_method               THROUGHOUT 
_refine.pdbx_method_to_determine_struct          'MOLECULAR REPLACEMENT' 
_refine.pdbx_starting_model                      1ptq 
_refine.pdbx_stereochemistry_target_values       ML 
_refine.pdbx_R_Free_selection_details            ? 
_refine.pdbx_stereochem_target_val_spec_case     ? 
_refine.pdbx_overall_ESU_R                       ? 
_refine.pdbx_overall_ESU_R_Free                  ? 
_refine.pdbx_solvent_vdw_probe_radii             1.1100 
_refine.pdbx_solvent_ion_probe_radii             ? 
_refine.pdbx_solvent_shrinkage_radii             0.9000 
_refine.pdbx_real_space_R                        ? 
_refine.pdbx_density_correlation                 ? 
_refine.pdbx_pd_number_of_powder_patterns        ? 
_refine.pdbx_pd_number_of_points                 ? 
_refine.pdbx_pd_meas_number_of_points            ? 
_refine.pdbx_pd_proc_ls_prof_R_factor            ? 
_refine.pdbx_pd_proc_ls_prof_wR_factor           ? 
_refine.pdbx_pd_Marquardt_correlation_coeff      ? 
_refine.pdbx_pd_Fsqrd_R_factor                   ? 
_refine.pdbx_pd_ls_matrix_band_width             ? 
_refine.pdbx_overall_phase_error                 23.9100 
_refine.pdbx_overall_SU_R_free_Cruickshank_DPI   ? 
_refine.pdbx_overall_SU_R_free_Blow_DPI          ? 
_refine.pdbx_overall_SU_R_Blow_DPI               ? 
_refine.pdbx_TLS_residual_ADP_flag               ? 
_refine.pdbx_diffrn_id                           1 
_refine.overall_SU_B                             ? 
_refine.overall_SU_ML                            0.1600 
_refine.overall_SU_R_Cruickshank_DPI             ? 
_refine.overall_SU_R_free                        ? 
_refine.overall_FOM_free_R_set                   ? 
_refine.overall_FOM_work_R_set                   ? 
_refine.pdbx_average_fsc_overall                 ? 
_refine.pdbx_average_fsc_work                    ? 
_refine.pdbx_average_fsc_free                    ? 
# 
_refine_hist.pdbx_refine_id                   'X-RAY DIFFRACTION' 
_refine_hist.cycle_id                         final 
_refine_hist.details                          ? 
_refine_hist.d_res_high                       1.5700 
_refine_hist.d_res_low                        19.2400 
_refine_hist.number_atoms_solvent             42 
_refine_hist.number_atoms_total               556 
_refine_hist.number_reflns_all                ? 
_refine_hist.number_reflns_obs                ? 
_refine_hist.number_reflns_R_free             ? 
_refine_hist.number_reflns_R_work             ? 
_refine_hist.R_factor_all                     ? 
_refine_hist.R_factor_obs                     ? 
_refine_hist.R_factor_R_free                  ? 
_refine_hist.R_factor_R_work                  ? 
_refine_hist.pdbx_number_residues_total       52 
_refine_hist.pdbx_B_iso_mean_ligand           32.66 
_refine_hist.pdbx_B_iso_mean_solvent          24.09 
_refine_hist.pdbx_number_atoms_protein        417 
_refine_hist.pdbx_number_atoms_nucleic_acid   0 
_refine_hist.pdbx_number_atoms_ligand         97 
_refine_hist.pdbx_number_atoms_lipid          ? 
_refine_hist.pdbx_number_atoms_carb           ? 
_refine_hist.pdbx_pseudo_atom_details         ? 
# 
loop_
_refine_ls_restr.type 
_refine_ls_restr.dev_ideal 
_refine_ls_restr.dev_ideal_target 
_refine_ls_restr.weight 
_refine_ls_restr.number 
_refine_ls_restr.pdbx_refine_id 
_refine_ls_restr.pdbx_restraint_function 
f_bond_d           0.010  ? ? 541 'X-RAY DIFFRACTION' ? 
f_angle_d          2.538  ? ? 738 'X-RAY DIFFRACTION' ? 
f_dihedral_angle_d 25.896 ? ? 115 'X-RAY DIFFRACTION' ? 
f_chiral_restr     0.351  ? ? 73  'X-RAY DIFFRACTION' ? 
f_plane_restr      0.005  ? ? 85  'X-RAY DIFFRACTION' ? 
# 
loop_
_refine_ls_shell.pdbx_refine_id 
_refine_ls_shell.d_res_high 
_refine_ls_shell.d_res_low 
_refine_ls_shell.number_reflns_all 
_refine_ls_shell.number_reflns_obs 
_refine_ls_shell.number_reflns_R_free 
_refine_ls_shell.number_reflns_R_work 
_refine_ls_shell.percent_reflns_obs 
_refine_ls_shell.percent_reflns_R_free 
_refine_ls_shell.R_factor_all 
_refine_ls_shell.R_factor_obs 
_refine_ls_shell.R_factor_R_free 
_refine_ls_shell.R_factor_R_free_error 
_refine_ls_shell.R_factor_R_work 
_refine_ls_shell.redundancy_reflns_all 
_refine_ls_shell.redundancy_reflns_obs 
_refine_ls_shell.wR_factor_all 
_refine_ls_shell.wR_factor_obs 
_refine_ls_shell.wR_factor_R_free 
_refine_ls_shell.wR_factor_R_work 
_refine_ls_shell.pdbx_R_complete 
_refine_ls_shell.pdbx_total_number_of_bins_used 
_refine_ls_shell.pdbx_phase_error 
_refine_ls_shell.pdbx_fsc_work 
_refine_ls_shell.pdbx_fsc_free 
'X-RAY DIFFRACTION' 1.5700 1.9800  2519 . 155 2364 70.0000  . . . 0.2302 0.0000 0.1910 . . . . . . . 2 . . . 
'X-RAY DIFFRACTION' 1.9800 19.2400 3676 . 188 3488 100.0000 . . . 0.2232 0.0000 0.1735 . . . . . . . 2 . . . 
# 
_struct.entry_id                     7KNJ 
_struct.title                        'C1B domain of Protein kinase C in complex with Phorbol ester and Phosphatidylcholine' 
_struct.pdbx_model_details           ? 
_struct.pdbx_formula_weight          ? 
_struct.pdbx_formula_weight_method   ? 
_struct.pdbx_model_type_details      ? 
_struct.pdbx_CASP_flag               N 
# 
_struct_keywords.entry_id        7KNJ 
_struct_keywords.text            'C1, lipid-binding, phorbol ester binding, Zn2+ finger, LIPID BINDING PROTEIN' 
_struct_keywords.pdbx_keywords   'LIPID BINDING PROTEIN' 
# 
loop_
_struct_asym.id 
_struct_asym.pdbx_blank_PDB_chainid_flag 
_struct_asym.pdbx_modified 
_struct_asym.entity_id 
_struct_asym.details 
A N N 1 ? 
B N N 2 ? 
C N N 2 ? 
D N N 3 ? 
E N N 3 ? 
F N N 4 ? 
G N N 5 ? 
# 
_struct_conf.conf_type_id            HELX_P 
_struct_conf.id                      HELX_P1 
_struct_conf.pdbx_PDB_helix_id       AA1 
_struct_conf.beg_label_comp_id       CYS 
_struct_conf.beg_label_asym_id       A 
_struct_conf.beg_label_seq_id        44 
_struct_conf.pdbx_beg_PDB_ins_code   ? 
_struct_conf.end_label_comp_id       VAL 
_struct_conf.end_label_asym_id       A 
_struct_conf.end_label_seq_id        48 
_struct_conf.pdbx_end_PDB_ins_code   ? 
_struct_conf.beg_auth_comp_id        CYS 
_struct_conf.beg_auth_asym_id        A 
_struct_conf.beg_auth_seq_id         272 
_struct_conf.end_auth_comp_id        VAL 
_struct_conf.end_auth_asym_id        A 
_struct_conf.end_auth_seq_id         276 
_struct_conf.pdbx_PDB_helix_class    5 
_struct_conf.details                 ? 
_struct_conf.pdbx_PDB_helix_length   5 
# 
_struct_conf_type.id          HELX_P 
_struct_conf_type.criteria    ? 
_struct_conf_type.reference   ? 
# 
loop_
_struct_conn.id 
_struct_conn.conn_type_id 
_struct_conn.pdbx_leaving_atom_flag 
_struct_conn.pdbx_PDB_id 
_struct_conn.ptnr1_label_asym_id 
_struct_conn.ptnr1_label_comp_id 
_struct_conn.ptnr1_label_seq_id 
_struct_conn.ptnr1_label_atom_id 
_struct_conn.pdbx_ptnr1_label_alt_id 
_struct_conn.pdbx_ptnr1_PDB_ins_code 
_struct_conn.pdbx_ptnr1_standard_comp_id 
_struct_conn.ptnr1_symmetry 
_struct_conn.ptnr2_label_asym_id 
_struct_conn.ptnr2_label_comp_id 
_struct_conn.ptnr2_label_seq_id 
_struct_conn.ptnr2_label_atom_id 
_struct_conn.pdbx_ptnr2_label_alt_id 
_struct_conn.pdbx_ptnr2_PDB_ins_code 
_struct_conn.ptnr1_auth_asym_id 
_struct_conn.ptnr1_auth_comp_id 
_struct_conn.ptnr1_auth_seq_id 
_struct_conn.ptnr2_auth_asym_id 
_struct_conn.ptnr2_auth_comp_id 
_struct_conn.ptnr2_auth_seq_id 
_struct_conn.ptnr2_symmetry 
_struct_conn.pdbx_ptnr3_label_atom_id 
_struct_conn.pdbx_ptnr3_label_seq_id 
_struct_conn.pdbx_ptnr3_label_comp_id 
_struct_conn.pdbx_ptnr3_label_asym_id 
_struct_conn.pdbx_ptnr3_label_alt_id 
_struct_conn.pdbx_ptnr3_PDB_ins_code 
_struct_conn.details 
_struct_conn.pdbx_dist_value 
_struct_conn.pdbx_value_order 
_struct_conn.pdbx_role 
metalc1 metalc ? ? A HIS 3  ND1 ? ? ? 1_555 D ZN . ZN ? ? A HIS 231 A ZN 303 1_555 ? ? ? ? ? ? ? 2.017 ? ? 
metalc2 metalc ? ? A CYS 16 SG  ? ? ? 1_555 E ZN . ZN ? ? A CYS 244 A ZN 304 1_555 ? ? ? ? ? ? ? 2.334 ? ? 
metalc3 metalc ? ? A CYS 19 SG  ? ? ? 1_555 E ZN . ZN ? ? A CYS 247 A ZN 304 1_555 ? ? ? ? ? ? ? 2.280 ? ? 
metalc4 metalc ? ? A CYS 33 SG  ? ? ? 1_555 D ZN . ZN ? ? A CYS 261 A ZN 303 1_555 ? ? ? ? ? ? ? 2.343 ? ? 
metalc5 metalc ? ? A CYS 36 SG  ? ? ? 1_555 D ZN . ZN ? ? A CYS 264 A ZN 303 1_555 ? ? ? ? ? ? ? 2.300 ? ? 
metalc6 metalc ? ? A HIS 41 ND1 ? ? ? 1_555 E ZN . ZN ? ? A HIS 269 A ZN 304 1_555 ? ? ? ? ? ? ? 2.080 ? ? 
metalc7 metalc ? ? A CYS 44 SG  ? ? ? 1_555 E ZN . ZN ? ? A CYS 272 A ZN 304 1_555 ? ? ? ? ? ? ? 2.313 ? ? 
metalc8 metalc ? ? A CYS 52 SG  ? ? ? 1_555 D ZN . ZN ? ? A CYS 280 A ZN 303 1_555 ? ? ? ? ? ? ? 2.303 ? ? 
# 
_struct_conn_type.id          metalc 
_struct_conn_type.criteria    ? 
_struct_conn_type.reference   ? 
# 
_struct_sheet.id               AA1 
_struct_sheet.type             ? 
_struct_sheet.number_strands   3 
_struct_sheet.details          ? 
# 
loop_
_struct_sheet_order.sheet_id 
_struct_sheet_order.range_id_1 
_struct_sheet_order.range_id_2 
_struct_sheet_order.offset 
_struct_sheet_order.sense 
AA1 1 2 ? anti-parallel 
AA1 2 3 ? anti-parallel 
# 
loop_
_struct_sheet_range.sheet_id 
_struct_sheet_range.id 
_struct_sheet_range.beg_label_comp_id 
_struct_sheet_range.beg_label_asym_id 
_struct_sheet_range.beg_label_seq_id 
_struct_sheet_range.pdbx_beg_PDB_ins_code 
_struct_sheet_range.end_label_comp_id 
_struct_sheet_range.end_label_asym_id 
_struct_sheet_range.end_label_seq_id 
_struct_sheet_range.pdbx_end_PDB_ins_code 
_struct_sheet_range.beg_auth_comp_id 
_struct_sheet_range.beg_auth_asym_id 
_struct_sheet_range.beg_auth_seq_id 
_struct_sheet_range.end_auth_comp_id 
_struct_sheet_range.end_auth_asym_id 
_struct_sheet_range.end_auth_seq_id 
AA1 1 PHE A 5  ? TYR A 8  ? PHE A 233 TYR A 236 
AA1 2 GLY A 30 ? CYS A 33 ? GLY A 258 CYS A 261 
AA1 3 ASN A 39 ? VAL A 40 ? ASN A 267 VAL A 268 
# 
loop_
_pdbx_struct_sheet_hbond.sheet_id 
_pdbx_struct_sheet_hbond.range_id_1 
_pdbx_struct_sheet_hbond.range_id_2 
_pdbx_struct_sheet_hbond.range_1_label_atom_id 
_pdbx_struct_sheet_hbond.range_1_label_comp_id 
_pdbx_struct_sheet_hbond.range_1_label_asym_id 
_pdbx_struct_sheet_hbond.range_1_label_seq_id 
_pdbx_struct_sheet_hbond.range_1_PDB_ins_code 
_pdbx_struct_sheet_hbond.range_1_auth_atom_id 
_pdbx_struct_sheet_hbond.range_1_auth_comp_id 
_pdbx_struct_sheet_hbond.range_1_auth_asym_id 
_pdbx_struct_sheet_hbond.range_1_auth_seq_id 
_pdbx_struct_sheet_hbond.range_2_label_atom_id 
_pdbx_struct_sheet_hbond.range_2_label_comp_id 
_pdbx_struct_sheet_hbond.range_2_label_asym_id 
_pdbx_struct_sheet_hbond.range_2_label_seq_id 
_pdbx_struct_sheet_hbond.range_2_PDB_ins_code 
_pdbx_struct_sheet_hbond.range_2_auth_atom_id 
_pdbx_struct_sheet_hbond.range_2_auth_comp_id 
_pdbx_struct_sheet_hbond.range_2_auth_asym_id 
_pdbx_struct_sheet_hbond.range_2_auth_seq_id 
AA1 1 2 N TYR A 8  ? N TYR A 236 O GLY A 30 ? O GLY A 258 
AA1 2 3 N LEU A 31 ? N LEU A 259 O VAL A 40 ? O VAL A 268 
# 
_atom_sites.entry_id                    7KNJ 
_atom_sites.Cartn_transf_matrix[1][1]   ? 
_atom_sites.Cartn_transf_matrix[1][2]   ? 
_atom_sites.Cartn_transf_matrix[1][3]   ? 
_atom_sites.Cartn_transf_matrix[2][1]   ? 
_atom_sites.Cartn_transf_matrix[2][2]   ? 
_atom_sites.Cartn_transf_matrix[2][3]   ? 
_atom_sites.Cartn_transf_matrix[3][1]   ? 
_atom_sites.Cartn_transf_matrix[3][2]   ? 
_atom_sites.Cartn_transf_matrix[3][3]   ? 
_atom_sites.Cartn_transf_vector[1]      ? 
_atom_sites.Cartn_transf_vector[2]      ? 
_atom_sites.Cartn_transf_vector[3]      ? 
_atom_sites.fract_transf_matrix[1][1]   0.01664451 
_atom_sites.fract_transf_matrix[1][2]   -0.02384513 
_atom_sites.fract_transf_matrix[1][3]   0.00465076 
_atom_sites.fract_transf_matrix[2][1]   -0.01327250 
_atom_sites.fract_transf_matrix[2][2]   -0.01556980 
_atom_sites.fract_transf_matrix[2][3]   -0.03232795 
_atom_sites.fract_transf_matrix[3][1]   0.01404866 
_atom_sites.fract_transf_matrix[3][2]   0.00558129 
_atom_sites.fract_transf_matrix[3][3]   -0.00845585 
_atom_sites.fract_transf_vector[1]      0.030601 
_atom_sites.fract_transf_vector[2]      0.016866 
_atom_sites.fract_transf_vector[3]      0.279579 
_atom_sites.solution_primary            ? 
_atom_sites.solution_secondary          ? 
_atom_sites.solution_hydrogens          ? 
_atom_sites.special_details             ? 
# 
loop_
_atom_type.symbol 
C  
N  
O  
P  
S  
ZN 
# 
loop_
_atom_site.group_PDB 
_atom_site.id 
_atom_site.type_symbol 
_atom_site.label_atom_id 
_atom_site.label_alt_id 
_atom_site.label_comp_id 
_atom_site.label_asym_id 
_atom_site.label_entity_id 
_atom_site.label_seq_id 
_atom_site.pdbx_PDB_ins_code 
_atom_site.Cartn_x 
_atom_site.Cartn_y 
_atom_site.Cartn_z 
_atom_site.occupancy 
_atom_site.B_iso_or_equiv 
_atom_site.pdbx_formal_charge 
_atom_site.auth_seq_id 
_atom_site.auth_comp_id 
_atom_site.auth_asym_id 
_atom_site.auth_atom_id 
_atom_site.pdbx_PDB_model_num 
ATOM   1   N  N   . MET A 1 1  ? 13.309  -1.704 -10.992 1.00 25.98 ?  229 MET A N   1 
ATOM   2   C  CA  . MET A 1 1  ? 12.340  -0.638 -11.198 1.00 24.05 ?  229 MET A CA  1 
ATOM   3   C  C   . MET A 1 1  ? 11.611  -0.316 -9.915  1.00 18.56 ?  229 MET A C   1 
ATOM   4   O  O   . MET A 1 1  ? 11.142  -1.222 -9.239  1.00 19.87 ?  229 MET A O   1 
ATOM   5   C  CB  . MET A 1 1  ? 11.332  -1.037 -12.270 1.00 20.43 ?  229 MET A CB  1 
ATOM   6   C  CG  . MET A 1 1  ? 11.767  -0.694 -13.663 1.00 33.44 ?  229 MET A CG  1 
ATOM   7   S  SD  . MET A 1 1  ? 12.056  1.054  -13.950 1.00 26.81 ?  229 MET A SD  1 
ATOM   8   C  CE  . MET A 1 1  ? 13.811  0.990  -14.306 1.00 18.40 ?  229 MET A CE  1 
ATOM   9   N  N   . PRO A 1 2  ? 11.514  0.967  -9.582  1.00 17.56 ?  230 PRO A N   1 
ATOM   10  C  CA  . PRO A 1 2  ? 10.724  1.360  -8.411  1.00 16.65 ?  230 PRO A CA  1 
ATOM   11  C  C   . PRO A 1 2  ? 9.238   1.130  -8.622  1.00 16.80 ?  230 PRO A C   1 
ATOM   12  O  O   . PRO A 1 2  ? 8.735   1.097  -9.752  1.00 15.23 ?  230 PRO A O   1 
ATOM   13  C  CB  . PRO A 1 2  ? 11.028  2.853  -8.239  1.00 17.04 ?  230 PRO A CB  1 
ATOM   14  C  CG  . PRO A 1 2  ? 12.033  3.203  -9.279  1.00 25.85 ?  230 PRO A CG  1 
ATOM   15  C  CD  . PRO A 1 2  ? 12.095  2.119  -10.290 1.00 18.80 ?  230 PRO A CD  1 
ATOM   16  N  N   . HIS A 1 3  ? 8.547   0.948  -7.502  1.00 12.84 ?  231 HIS A N   1 
ATOM   17  C  CA  . HIS A 1 3  ? 7.094   0.905  -7.460  1.00 10.65 ?  231 HIS A CA  1 
ATOM   18  C  C   . HIS A 1 3  ? 6.517   2.250  -7.888  1.00 12.15 ?  231 HIS A C   1 
ATOM   19  O  O   . HIS A 1 3  ? 7.190   3.279  -7.847  1.00 12.91 ?  231 HIS A O   1 
ATOM   20  C  CB  . HIS A 1 3  ? 6.623   0.615  -6.040  1.00 11.71 ?  231 HIS A CB  1 
ATOM   21  C  CG  . HIS A 1 3  ? 7.015   -0.731 -5.509  1.00 10.69 ?  231 HIS A CG  1 
ATOM   22  N  ND1 . HIS A 1 3  ? 6.431   -1.908 -5.931  1.00 11.40 ?  231 HIS A ND1 1 
ATOM   23  C  CD2 . HIS A 1 3  ? 7.915   -1.078 -4.558  1.00 15.64 ?  231 HIS A CD2 1 
ATOM   24  C  CE1 . HIS A 1 3  ? 6.958   -2.921 -5.266  1.00 16.75 ?  231 HIS A CE1 1 
ATOM   25  N  NE2 . HIS A 1 3  ? 7.862   -2.445 -4.429  1.00 15.10 ?  231 HIS A NE2 1 
ATOM   26  N  N   . ARG A 1 4  ? 5.239   2.244  -8.278  1.00 7.80  ?  232 ARG A N   1 
ATOM   27  C  CA  . ARG A 1 4  ? 4.500   3.474  -8.598  1.00 8.16  ?  232 ARG A CA  1 
ATOM   28  C  C   . ARG A 1 4  ? 3.226   3.493  -7.754  1.00 7.38  ?  232 ARG A C   1 
ATOM   29  O  O   . ARG A 1 4  ? 2.168   3.059  -8.207  1.00 9.58  ?  232 ARG A O   1 
ATOM   30  C  CB  . ARG A 1 4  ? 4.181   3.590  -10.093 1.00 12.27 ?  232 ARG A CB  1 
ATOM   31  C  CG  . ARG A 1 4  ? 5.400   3.811  -10.940 1.00 8.14  ?  232 ARG A CG  1 
ATOM   32  C  CD  . ARG A 1 4  ? 5.027   4.238  -12.306 1.00 11.68 ?  232 ARG A CD  1 
ATOM   33  N  NE  . ARG A 1 4  ? 4.525   3.110  -13.059 1.00 14.25 ?  232 ARG A NE  1 
ATOM   34  C  CZ  . ARG A 1 4  ? 4.005   3.225  -14.271 1.00 26.05 ?  232 ARG A CZ  1 
ATOM   35  N  NH1 . ARG A 1 4  ? 3.920   4.426  -14.842 1.00 22.72 ?  232 ARG A NH1 1 
ATOM   36  N  NH2 . ARG A 1 4  ? 3.567   2.145  -14.901 1.00 27.11 ?  232 ARG A NH2 1 
ATOM   37  N  N   . PHE A 1 5  ? 3.333   4.023  -6.539  1.00 10.50 ?  233 PHE A N   1 
ATOM   38  C  CA  . PHE A 1 5  ? 2.225   3.999  -5.585  1.00 8.72  ?  233 PHE A CA  1 
ATOM   39  C  C   . PHE A 1 5  ? 1.240   5.136  -5.822  1.00 10.10 ?  233 PHE A C   1 
ATOM   40  O  O   . PHE A 1 5  ? 1.626   6.266  -6.156  1.00 12.06 ?  233 PHE A O   1 
ATOM   41  C  CB  . PHE A 1 5  ? 2.767   4.082  -4.153  1.00 6.51  ?  233 PHE A CB  1 
ATOM   42  C  CG  . PHE A 1 5  ? 3.374   2.797  -3.659  1.00 9.28  ?  233 PHE A CG  1 
ATOM   43  C  CD1 . PHE A 1 5  ? 2.575   1.692  -3.410  1.00 7.92  ?  233 PHE A CD1 1 
ATOM   44  C  CD2 . PHE A 1 5  ? 4.740   2.699  -3.431  1.00 7.91  ?  233 PHE A CD2 1 
ATOM   45  C  CE1 . PHE A 1 5  ? 3.126   0.508  -2.966  1.00 9.30  ?  233 PHE A CE1 1 
ATOM   46  C  CE2 . PHE A 1 5  ? 5.302   1.528  -2.978  1.00 14.44 ?  233 PHE A CE2 1 
ATOM   47  C  CZ  . PHE A 1 5  ? 4.507   0.437  -2.739  1.00 7.65  ?  233 PHE A CZ  1 
ATOM   48  N  N   . LYS A 1 6  ? -0.036  4.827  -5.629  1.00 7.69  ?  234 LYS A N   1 
ATOM   49  C  CA  . LYS A 1 6  ? -1.125  5.790  -5.684  1.00 8.45  ?  234 LYS A CA  1 
ATOM   50  C  C   . LYS A 1 6  ? -2.016  5.634  -4.461  1.00 7.85  ?  234 LYS A C   1 
ATOM   51  O  O   . LYS A 1 6  ? -2.241  4.516  -3.987  1.00 10.27 ?  234 LYS A O   1 
ATOM   52  C  CB  . LYS A 1 6  ? -1.959  5.603  -6.954  1.00 11.34 ?  234 LYS A CB  1 
ATOM   53  C  CG  . LYS A 1 6  ? -2.717  4.296  -6.973  1.00 17.41 ?  234 LYS A CG  1 
ATOM   54  C  CD  . LYS A 1 6  ? -3.242  3.984  -8.331  1.00 17.42 ?  234 LYS A CD  1 
ATOM   55  C  CE  . LYS A 1 6  ? -3.670  2.553  -8.413  1.00 14.02 ?  234 LYS A CE  1 
ATOM   56  N  NZ  . LYS A 1 6  ? -4.476  2.390  -9.634  1.00 16.31 ?  234 LYS A NZ  1 
ATOM   57  N  N   . VAL A 1 7  ? -2.532  6.755  -3.948  1.00 10.47 ?  235 VAL A N   1 
ATOM   58  C  CA  . VAL A 1 7  ? -3.524  6.694  -2.877  1.00 10.84 ?  235 VAL A CA  1 
ATOM   59  C  C   . VAL A 1 7  ? -4.727  5.886  -3.339  1.00 10.42 ?  235 VAL A C   1 
ATOM   60  O  O   . VAL A 1 7  ? -5.258  6.107  -4.432  1.00 11.27 ?  235 VAL A O   1 
ATOM   61  C  CB  . VAL A 1 7  ? -3.936  8.110  -2.452  1.00 12.13 ?  235 VAL A CB  1 
ATOM   62  C  CG1 . VAL A 1 7  ? -5.114  8.045  -1.489  1.00 13.00 ?  235 VAL A CG1 1 
ATOM   63  C  CG2 . VAL A 1 7  ? -2.771  8.814  -1.812  1.00 15.88 ?  235 VAL A CG2 1 
ATOM   64  N  N   . TYR A 1 8  ? -5.167  4.935  -2.513  1.00 9.36  ?  236 TYR A N   1 
ATOM   65  C  CA  . TYR A 1 8  ? -6.200  3.992  -2.925  1.00 7.99  ?  236 TYR A CA  1 
ATOM   66  C  C   . TYR A 1 8  ? -7.270  3.844  -1.849  1.00 7.35  ?  236 TYR A C   1 
ATOM   67  O  O   . TYR A 1 8  ? -7.028  4.056  -0.661  1.00 10.19 ?  236 TYR A O   1 
ATOM   68  C  CB  . TYR A 1 8  ? -5.607  2.625  -3.268  1.00 11.31 ?  236 TYR A CB  1 
ATOM   69  C  CG  . TYR A 1 8  ? -6.495  1.776  -4.141  1.00 8.67  ?  236 TYR A CG  1 
ATOM   70  C  CD1 . TYR A 1 8  ? -6.595  2.018  -5.508  1.00 12.03 ?  236 TYR A CD1 1 
ATOM   71  C  CD2 . TYR A 1 8  ? -7.223  0.712  -3.605  1.00 10.92 ?  236 TYR A CD2 1 
ATOM   72  C  CE1 . TYR A 1 8  ? -7.416  1.245  -6.308  1.00 14.18 ?  236 TYR A CE1 1 
ATOM   73  C  CE2 . TYR A 1 8  ? -8.038  -0.066 -4.403  1.00 14.18 ?  236 TYR A CE2 1 
ATOM   74  C  CZ  . TYR A 1 8  ? -8.129  0.208  -5.750  1.00 15.52 ?  236 TYR A CZ  1 
ATOM   75  O  OH  . TYR A 1 8  ? -8.935  -0.570 -6.542  1.00 21.83 ?  236 TYR A OH  1 
ATOM   76  N  N   . ASN A 1 9  ? -8.468  3.485  -2.284  1.00 7.23  ?  237 ASN A N   1 
ATOM   77  C  CA  . ASN A 1 9  ? -9.617  3.352  -1.392  1.00 10.40 ?  237 ASN A CA  1 
ATOM   78  C  C   . ASN A 1 9  ? -10.047 1.894  -1.371  1.00 11.70 ?  237 ASN A C   1 
ATOM   79  O  O   . ASN A 1 9  ? -10.585 1.378  -2.361  1.00 12.24 ?  237 ASN A O   1 
ATOM   80  C  CB  . ASN A 1 9  ? -10.758 4.262  -1.850  1.00 10.63 ?  237 ASN A CB  1 
ATOM   81  C  CG  . ASN A 1 9  ? -10.422 5.727  -1.708  1.00 13.85 ?  237 ASN A CG  1 
ATOM   82  O  OD1 . ASN A 1 9  ? -10.694 6.341  -0.680  1.00 16.05 ?  237 ASN A OD1 1 
ATOM   83  N  ND2 . ASN A 1 9  ? -9.783  6.284  -2.728  1.00 13.08 ?  237 ASN A ND2 1 
ATOM   84  N  N   . TYR A 1 10 ? -9.854  1.236  -0.237  1.00 9.97  ?  238 TYR A N   1 
ATOM   85  C  CA  . TYR A 1 10 ? -10.064 -0.200 -0.152  1.00 6.92  ?  238 TYR A CA  1 
ATOM   86  C  C   . TYR A 1 10 ? -11.481 -0.511 0.302   1.00 10.71 ?  238 TYR A C   1 
ATOM   87  O  O   . TYR A 1 10 ? -12.018 0.153  1.183   1.00 12.69 ?  238 TYR A O   1 
ATOM   88  C  CB  . TYR A 1 10 ? -9.044  -0.842 0.795   1.00 8.75  ?  238 TYR A CB  1 
ATOM   89  C  CG  . TYR A 1 10 ? -7.635  -0.692 0.269   1.00 7.17  ?  238 TYR A CG  1 
ATOM   90  C  CD1 . TYR A 1 10 ? -6.899  0.463  0.507   1.00 8.85  ?  238 TYR A CD1 1 
ATOM   91  C  CD2 . TYR A 1 10 ? -7.074  -1.679 -0.528  1.00 10.52 ?  238 TYR A CD2 1 
ATOM   92  C  CE1 . TYR A 1 10 ? -5.605  0.606  0.001   1.00 7.08  ?  238 TYR A CE1 1 
ATOM   93  C  CE2 . TYR A 1 10 ? -5.790  -1.547 -1.036  1.00 7.41  ?  238 TYR A CE2 1 
ATOM   94  C  CZ  . TYR A 1 10 ? -5.065  -0.393 -0.775  1.00 7.53  ?  238 TYR A CZ  1 
ATOM   95  O  OH  . TYR A 1 10 ? -3.777  -0.225 -1.260  1.00 7.66  ?  238 TYR A OH  1 
ATOM   96  N  N   . MET A 1 11 ? -12.079 -1.531 -0.307  1.00 11.14 ?  239 MET A N   1 
ATOM   97  C  CA  A MET A 1 11 ? -13.449 -1.882 0.033   0.65 12.81 ?  239 MET A CA  1 
ATOM   98  C  CA  B MET A 1 11 ? -13.456 -1.911 -0.026  0.35 12.92 ?  239 MET A CA  1 
ATOM   99  C  C   . MET A 1 11 ? -13.568 -3.230 0.729   1.00 18.09 ?  239 MET A C   1 
ATOM   100 O  O   . MET A 1 11 ? -14.680 -3.671 1.016   1.00 15.36 ?  239 MET A O   1 
ATOM   101 C  CB  A MET A 1 11 ? -14.323 -1.834 -1.213  0.65 17.46 ?  239 MET A CB  1 
ATOM   102 C  CB  B MET A 1 11 ? -14.251 -1.979 -1.337  0.35 17.76 ?  239 MET A CB  1 
ATOM   103 C  CG  A MET A 1 11 ? -14.686 -0.414 -1.575  0.65 21.74 ?  239 MET A CG  1 
ATOM   104 C  CG  B MET A 1 11 ? -15.762 -2.053 -1.173  0.35 26.19 ?  239 MET A CG  1 
ATOM   105 S  SD  A MET A 1 11 ? -16.225 -0.293 -2.488  0.65 37.94 ?  239 MET A SD  1 
ATOM   106 S  SD  B MET A 1 11 ? -16.597 -1.871 -2.749  0.35 32.62 ?  239 MET A SD  1 
ATOM   107 C  CE  A MET A 1 11 ? -16.560 -2.021 -2.797  0.65 32.48 ?  239 MET A CE  1 
ATOM   108 C  CE  B MET A 1 11 ? -16.163 -0.175 -3.101  0.35 32.41 ?  239 MET A CE  1 
ATOM   109 N  N   . SER A 1 12 ? -12.455 -3.872 1.048   1.00 14.18 ?  240 SER A N   1 
ATOM   110 C  CA  . SER A 1 12 ? -12.426 -5.050 1.899   1.00 17.69 ?  240 SER A CA  1 
ATOM   111 C  C   . SER A 1 12 ? -11.162 -4.961 2.737   1.00 16.46 ?  240 SER A C   1 
ATOM   112 O  O   . SER A 1 12 ? -10.237 -4.220 2.382   1.00 11.46 ?  240 SER A O   1 
ATOM   113 C  CB  . SER A 1 12 ? -12.472 -6.351 1.085   1.00 18.62 ?  240 SER A CB  1 
ATOM   114 O  OG  . SER A 1 12 ? -11.275 -6.561 0.373   1.00 29.24 ?  240 SER A OG  1 
ATOM   115 N  N   . PRO A 1 13 ? -11.098 -5.665 3.870   1.00 11.51 ?  241 PRO A N   1 
ATOM   116 C  CA  . PRO A 1 13 ? -9.921  -5.529 4.748   1.00 9.54  ?  241 PRO A CA  1 
ATOM   117 C  C   . PRO A 1 13 ? -8.645  -5.897 4.015   1.00 12.28 ?  241 PRO A C   1 
ATOM   118 O  O   . PRO A 1 13 ? -8.563  -6.937 3.360   1.00 10.91 ?  241 PRO A O   1 
ATOM   119 C  CB  . PRO A 1 13 ? -10.211 -6.503 5.894   1.00 15.83 ?  241 PRO A CB  1 
ATOM   120 C  CG  . PRO A 1 13 ? -11.683 -6.584 5.905   1.00 12.86 ?  241 PRO A CG  1 
ATOM   121 C  CD  . PRO A 1 13 ? -12.099 -6.564 4.465   1.00 15.76 ?  241 PRO A CD  1 
ATOM   122 N  N   . THR A 1 14 ? -7.659  -5.017 4.124   1.00 8.62  ?  242 THR A N   1 
ATOM   123 C  CA  . THR A 1 14 ? -6.421  -5.123 3.368   1.00 7.03  ?  242 THR A CA  1 
ATOM   124 C  C   . THR A 1 14 ? -5.267  -4.827 4.309   1.00 8.79  ?  242 THR A C   1 
ATOM   125 O  O   . THR A 1 14 ? -5.304  -3.836 5.050   1.00 8.91  ?  242 THR A O   1 
ATOM   126 C  CB  . THR A 1 14 ? -6.411  -4.151 2.189   1.00 10.36 ?  242 THR A CB  1 
ATOM   127 O  OG1 . THR A 1 14 ? -7.541  -4.389 1.340   1.00 10.86 ?  242 THR A OG1 1 
ATOM   128 C  CG2 . THR A 1 14 ? -5.132  -4.297 1.382   1.00 8.40  ?  242 THR A CG2 1 
ATOM   129 N  N   . PHE A 1 15 ? -4.258  -5.686 4.300   1.00 8.62  ?  243 PHE A N   1 
ATOM   130 C  CA  . PHE A 1 15 ? -3.121  -5.502 5.181   1.00 11.88 ?  243 PHE A CA  1 
ATOM   131 C  C   . PHE A 1 15 ? -1.979  -4.866 4.416   1.00 11.70 ?  243 PHE A C   1 
ATOM   132 O  O   . PHE A 1 15 ? -1.894  -4.992 3.196   1.00 13.11 ?  243 PHE A O   1 
ATOM   133 C  CB  . PHE A 1 15 ? -2.675  -6.826 5.787   1.00 11.48 ?  243 PHE A CB  1 
ATOM   134 C  CG  . PHE A 1 15 ? -3.649  -7.367 6.763   1.00 12.96 ?  243 PHE A CG  1 
ATOM   135 C  CD1 . PHE A 1 15 ? -4.732  -8.108 6.333   1.00 13.43 ?  243 PHE A CD1 1 
ATOM   136 C  CD2 . PHE A 1 15 ? -3.523  -7.081 8.112   1.00 14.14 ?  243 PHE A CD2 1 
ATOM   137 C  CE1 . PHE A 1 15 ? -5.662  -8.584 7.253   1.00 21.78 ?  243 PHE A CE1 1 
ATOM   138 C  CE2 . PHE A 1 15 ? -4.440  -7.545 9.022   1.00 19.90 ?  243 PHE A CE2 1 
ATOM   139 C  CZ  . PHE A 1 15 ? -5.506  -8.306 8.591   1.00 17.74 ?  243 PHE A CZ  1 
ATOM   140 N  N   . CYS A 1 16 ? -1.133  -4.138 5.155   1.00 9.13  ?  244 CYS A N   1 
ATOM   141 C  CA  . CYS A 1 16 ? 0.081   -3.537 4.611   1.00 6.57  ?  244 CYS A CA  1 
ATOM   142 C  C   . CYS A 1 16 ? 1.106   -4.617 4.331   1.00 8.79  ?  244 CYS A C   1 
ATOM   143 O  O   . CYS A 1 16 ? 1.538   -5.309 5.259   1.00 8.70  ?  244 CYS A O   1 
ATOM   144 C  CB  . CYS A 1 16 ? 0.670   -2.528 5.593   1.00 9.20  ?  244 CYS A CB  1 
ATOM   145 S  SG  . CYS A 1 16 ? 2.187   -1.724 5.012   1.00 8.52  ?  244 CYS A SG  1 
ATOM   146 N  N   . ASP A 1 17 ? 1.537   -4.725 3.075   1.00 8.56  ?  245 ASP A N   1 
ATOM   147 C  CA  . ASP A 1 17 ? 2.537   -5.723 2.715   1.00 10.94 ?  245 ASP A CA  1 
ATOM   148 C  C   . ASP A 1 17 ? 3.902   -5.413 3.311   1.00 12.75 ?  245 ASP A C   1 
ATOM   149 O  O   . ASP A 1 17 ? 4.741   -6.312 3.405   1.00 16.27 ?  245 ASP A O   1 
ATOM   150 C  CB  . ASP A 1 17 ? 2.621   -5.847 1.193   1.00 11.66 ?  245 ASP A CB  1 
ATOM   151 C  CG  . ASP A 1 17 ? 1.347   -6.412 0.587   1.00 14.85 ?  245 ASP A CG  1 
ATOM   152 O  OD1 . ASP A 1 17 ? 0.739   -7.324 1.192   1.00 18.70 ?  245 ASP A OD1 1 
ATOM   153 O  OD2 . ASP A 1 17 ? 0.941   -5.954 -0.499  1.00 15.21 ?  245 ASP A OD2 1 
ATOM   154 N  N   . HIS A 1 18 ? 4.150   -4.175 3.725   1.00 8.49  ?  246 HIS A N   1 
ATOM   155 C  CA  . HIS A 1 18 ? 5.416   -3.866 4.374   1.00 10.36 ?  246 HIS A CA  1 
ATOM   156 C  C   . HIS A 1 18 ? 5.397   -4.258 5.850   1.00 13.26 ?  246 HIS A C   1 
ATOM   157 O  O   . HIS A 1 18 ? 6.179   -5.109 6.281   1.00 13.62 ?  246 HIS A O   1 
ATOM   158 C  CB  . HIS A 1 18 ? 5.734   -2.380 4.220   1.00 11.94 ?  246 HIS A CB  1 
ATOM   159 C  CG  . HIS A 1 18 ? 7.047   -1.985 4.814   1.00 9.57  ?  246 HIS A CG  1 
ATOM   160 N  ND1 . HIS A 1 18 ? 8.257   -2.409 4.310   1.00 12.19 ?  246 HIS A ND1 1 
ATOM   161 C  CD2 . HIS A 1 18 ? 7.334   -1.239 5.905   1.00 13.49 ?  246 HIS A CD2 1 
ATOM   162 C  CE1 . HIS A 1 18 ? 9.234   -1.921 5.050   1.00 10.46 ?  246 HIS A CE1 1 
ATOM   163 N  NE2 . HIS A 1 18 ? 8.703   -1.214 6.029   1.00 12.18 ?  246 HIS A NE2 1 
ATOM   164 N  N   . CYS A 1 19 ? 4.495   -3.661 6.636   1.00 13.35 ?  247 CYS A N   1 
ATOM   165 C  CA  . CYS A 1 19 ? 4.548   -3.768 8.094   1.00 9.96  ?  247 CYS A CA  1 
ATOM   166 C  C   . CYS A 1 19 ? 3.534   -4.738 8.693   1.00 9.20  ?  247 CYS A C   1 
ATOM   167 O  O   . CYS A 1 19 ? 3.544   -4.938 9.910   1.00 9.81  ?  247 CYS A O   1 
ATOM   168 C  CB  . CYS A 1 19 ? 4.363   -2.393 8.742   1.00 15.27 ?  247 CYS A CB  1 
ATOM   169 S  SG  . CYS A 1 19 ? 2.680   -1.788 8.734   1.00 11.76 ?  247 CYS A SG  1 
ATOM   170 N  N   . GLY A 1 20 ? 2.658   -5.335 7.899   1.00 8.16  ?  248 GLY A N   1 
ATOM   171 C  CA  . GLY A 1 20 ? 1.800   -6.385 8.410   1.00 9.68  ?  248 GLY A CA  1 
ATOM   172 C  C   . GLY A 1 20 ? 0.493   -5.957 9.052   1.00 11.36 ?  248 GLY A C   1 
ATOM   173 O  O   . GLY A 1 20 ? -0.392  -6.807 9.236   1.00 10.46 ?  248 GLY A O   1 
ATOM   174 N  N   . SER A 1 21 ? 0.331   -4.692 9.418   1.00 9.15  ?  249 SER A N   1 
ATOM   175 C  CA  . SER A 1 21 ? -0.902  -4.334 10.094  1.00 8.04  ?  249 SER A CA  1 
ATOM   176 C  C   . SER A 1 21 ? -1.984  -4.002 9.080   1.00 7.44  ?  249 SER A C   1 
ATOM   177 O  O   . SER A 1 21 ? -1.731  -3.808 7.889   1.00 11.20 ?  249 SER A O   1 
ATOM   178 C  CB  . SER A 1 21 ? -0.715  -3.165 11.057  1.00 12.05 ?  249 SER A CB  1 
ATOM   179 O  OG  . SER A 1 21 ? -0.617  -1.931 10.389  1.00 19.36 ?  249 SER A OG  1 
ATOM   180 N  N   . LEU A 1 22 ? -3.211  -3.958 9.584   1.00 9.61  ?  250 LEU A N   1 
ATOM   181 C  CA  . LEU A 1 22 ? -4.348  -3.592 8.755   1.00 8.48  ?  250 LEU A CA  1 
ATOM   182 C  C   . LEU A 1 22 ? -4.191  -2.159 8.276   1.00 8.35  ?  250 LEU A C   1 
ATOM   183 O  O   . LEU A 1 22 ? -3.594  -1.313 8.945   1.00 10.57 ?  250 LEU A O   1 
ATOM   184 C  CB  . LEU A 1 22 ? -5.659  -3.746 9.543   1.00 8.91  ?  250 LEU A CB  1 
ATOM   185 C  CG  . LEU A 1 22 ? -6.950  -3.654 8.735   1.00 8.74  ?  250 LEU A CG  1 
ATOM   186 C  CD1 . LEU A 1 22 ? -7.139  -4.865 7.856   1.00 15.07 ?  250 LEU A CD1 1 
ATOM   187 C  CD2 . LEU A 1 22 ? -8.162  -3.442 9.644   1.00 14.01 ?  250 LEU A CD2 1 
ATOM   188 N  N   . LEU A 1 23 ? -4.695  -1.902 7.078   1.00 8.43  ?  251 LEU A N   1 
ATOM   189 C  CA  . LEU A 1 23 ? -4.827  -0.541 6.582   1.00 8.45  ?  251 LEU A CA  1 
ATOM   190 C  C   . LEU A 1 23 ? -6.160  -0.072 7.137   1.00 9.36  ?  251 LEU A C   1 
ATOM   191 O  O   . LEU A 1 23 ? -7.216  -0.376 6.588   1.00 10.17 ?  251 LEU A O   1 
ATOM   192 C  CB  . LEU A 1 23 ? -4.781  -0.512 5.060   1.00 8.92  ?  251 LEU A CB  1 
ATOM   193 C  CG  . LEU A 1 23 ? -3.532  -1.062 4.371   1.00 7.84  ?  251 LEU A CG  1 
ATOM   194 C  CD1 . LEU A 1 23 ? -3.710  -1.054 2.833   1.00 8.00  ?  251 LEU A CD1 1 
ATOM   195 C  CD2 . LEU A 1 23 ? -2.327  -0.261 4.801   1.00 8.79  ?  251 LEU A CD2 1 
ATOM   196 N  N   . TRP A 1 24 ? -6.116  0.623  8.277   1.00 8.98  ?  252 TRP A N   1 
ATOM   197 C  CA  . TRP A 1 24 ? -7.333  1.022  8.980   1.00 11.21 ?  252 TRP A CA  1 
ATOM   198 C  C   . TRP A 1 24 ? -8.012  2.213  8.308   1.00 9.63  ?  252 TRP A C   1 
ATOM   199 O  O   . TRP A 1 24 ? -7.359  3.067  7.713   1.00 12.08 ?  252 TRP A O   1 
ATOM   200 C  CB  . TRP A 1 24 ? -7.037  1.400  10.440  1.00 16.07 ?  252 TRP A CB  1 
ATOM   201 C  CG  . TRP A 1 24 ? -6.384  0.329  11.283  1.00 21.11 ?  252 TRP A CG  1 
ATOM   202 C  CD1 . TRP A 1 24 ? -5.051  0.067  11.382  1.00 19.44 ?  252 TRP A CD1 1 
ATOM   203 C  CD2 . TRP A 1 24 ? -7.042  -0.613 12.146  1.00 18.44 ?  252 TRP A CD2 1 
ATOM   204 N  NE1 . TRP A 1 24 ? -4.834  -0.985 12.241  1.00 17.93 ?  252 TRP A NE1 1 
ATOM   205 C  CE2 . TRP A 1 24 ? -6.038  -1.427 12.716  1.00 19.54 ?  252 TRP A CE2 1 
ATOM   206 C  CE3 . TRP A 1 24 ? -8.376  -0.858 12.474  1.00 22.88 ?  252 TRP A CE3 1 
ATOM   207 C  CZ2 . TRP A 1 24 ? -6.325  -2.465 13.605  1.00 22.33 ?  252 TRP A CZ2 1 
ATOM   208 C  CZ3 . TRP A 1 24 ? -8.664  -1.890 13.364  1.00 25.31 ?  252 TRP A CZ3 1 
ATOM   209 C  CH2 . TRP A 1 24 ? -7.639  -2.681 13.917  1.00 21.73 ?  252 TRP A CH2 1 
ATOM   210 N  N   . GLY A 1 25 ? -9.330  2.288  8.445   1.00 12.78 ?  253 GLY A N   1 
ATOM   211 C  CA  . GLY A 1 25 ? -10.057 3.486  8.075   1.00 15.04 ?  253 GLY A CA  1 
ATOM   212 C  C   . GLY A 1 25 ? -11.128 3.226  7.030   1.00 10.23 ?  253 GLY A C   1 
ATOM   213 O  O   . GLY A 1 25 ? -11.272 2.132  6.488   1.00 12.02 ?  253 GLY A O   1 
ATOM   214 N  N   . LEU A 1 26 ? -11.882 4.284  6.752   1.00 13.92 ?  254 LEU A N   1 
ATOM   215 C  CA  . LEU A 1 26 ? -13.004 4.165  5.837   1.00 14.28 ?  254 LEU A CA  1 
ATOM   216 C  C   . LEU A 1 26 ? -12.638 4.518  4.408   1.00 12.70 ?  254 LEU A C   1 
ATOM   217 O  O   . LEU A 1 26 ? -13.212 3.951  3.476   1.00 12.60 ?  254 LEU A O   1 
ATOM   218 C  CB  . LEU A 1 26 ? -14.167 5.050  6.297   1.00 18.90 ?  254 LEU A CB  1 
ATOM   219 C  CG  . LEU A 1 26 ? -14.705 4.702  7.683   1.00 20.83 ?  254 LEU A CG  1 
ATOM   220 C  CD1 . LEU A 1 26 ? -15.797 5.686  8.080   1.00 19.09 ?  254 LEU A CD1 1 
ATOM   221 C  CD2 . LEU A 1 26 ? -15.238 3.263  7.681   1.00 16.57 ?  254 LEU A CD2 1 
ATOM   222 N  N   . VAL A 1 27 ? -11.705 5.441  4.220   1.00 13.31 ?  255 VAL A N   1 
ATOM   223 C  CA  . VAL A 1 27 ? -11.278 5.865  2.895   1.00 12.03 ?  255 VAL A CA  1 
ATOM   224 C  C   . VAL A 1 27 ? -9.782  6.112  2.930   1.00 11.58 ?  255 VAL A C   1 
ATOM   225 O  O   . VAL A 1 27 ? -9.179  6.279  3.994   1.00 12.10 ?  255 VAL A O   1 
ATOM   226 C  CB  . VAL A 1 27 ? -11.997 7.139  2.391   1.00 12.52 ?  255 VAL A CB  1 
ATOM   227 C  CG1 . VAL A 1 27 ? -13.503 6.909  2.294   1.00 15.72 ?  255 VAL A CG1 1 
ATOM   228 C  CG2 . VAL A 1 27 ? -11.673 8.322  3.273   1.00 14.43 ?  255 VAL A CG2 1 
ATOM   229 N  N   . LYS A 1 28 ? -9.194  6.108  1.737   1.00 8.60  ?  256 LYS A N   1 
ATOM   230 C  CA  . LYS A 1 28 ? -7.786  6.434  1.511   1.00 12.50 ?  256 LYS A CA  1 
ATOM   231 C  C   . LYS A 1 28 ? -6.880  5.766  2.535   1.00 10.64 ?  256 LYS A C   1 
ATOM   232 O  O   . LYS A 1 28 ? -5.985  6.385  3.107   1.00 9.36  ?  256 LYS A O   1 
ATOM   233 C  CB  . LYS A 1 28 ? -7.573  7.942  1.507   1.00 18.07 ?  256 LYS A CB  1 
ATOM   234 C  CG  . LYS A 1 28 ? -8.386  8.671  0.448   1.00 15.33 ?  256 LYS A CG  1 
ATOM   235 C  CD  . LYS A 1 28 ? -8.334  10.163 0.684   1.00 17.62 ?  256 LYS A CD  1 
ATOM   236 C  CE  . LYS A 1 28 ? -9.492  10.869 0.007   1.00 23.13 ?  256 LYS A CE  1 
ATOM   237 N  NZ  . LYS A 1 28 ? -9.005  12.100 -0.667  1.00 35.30 ?  256 LYS A NZ  1 
ATOM   238 N  N   . GLN A 1 29 ? -7.115  4.474  2.751   1.00 9.81  ?  257 GLN A N   1 
ATOM   239 C  CA  . GLN A 1 29 ? -6.446  3.789  3.851   1.00 8.23  ?  257 GLN A CA  1 
ATOM   240 C  C   . GLN A 1 29 ? -4.971  3.524  3.573   1.00 9.72  ?  257 GLN A C   1 
ATOM   241 O  O   . GLN A 1 29 ? -4.221  3.261  4.509   1.00 11.09 ?  257 GLN A O   1 
ATOM   242 C  CB  . GLN A 1 29 ? -7.154  2.469  4.164   1.00 9.48  ?  257 GLN A CB  1 
ATOM   243 C  CG  . GLN A 1 29 ? -8.642  2.597  4.470   1.00 8.94  ?  257 GLN A CG  1 
ATOM   244 C  CD  . GLN A 1 29 ? -9.496  2.321  3.250   1.00 9.86  ?  257 GLN A CD  1 
ATOM   245 O  OE1 . GLN A 1 29 ? -9.097  2.600  2.123   1.00 9.72  ?  257 GLN A OE1 1 
ATOM   246 N  NE2 . GLN A 1 29 ? -10.661 1.711  3.470   1.00 10.45 ?  257 GLN A NE2 1 
ATOM   247 N  N   . GLY A 1 30 ? -4.539  3.581  2.329   1.00 6.27  ?  258 GLY A N   1 
ATOM   248 C  CA  . GLY A 1 30 ? -3.159  3.277  2.018   1.00 5.27  ?  258 GLY A CA  1 
ATOM   249 C  C   . GLY A 1 30 ? -2.868  3.584  0.571   1.00 9.25  ?  258 GLY A C   1 
ATOM   250 O  O   . GLY A 1 30 ? -3.639  4.281  -0.088  1.00 8.97  ?  258 GLY A O   1 
ATOM   251 N  N   . LEU A 1 31 ? -1.747  3.045  0.093   1.00 8.92  ?  259 LEU A N   1 
ATOM   252 C  CA  . LEU A 1 31 ? -1.295  3.206  -1.283  1.00 10.54 ?  259 LEU A CA  1 
ATOM   253 C  C   . LEU A 1 31 ? -1.203  1.848  -1.963  1.00 8.84  ?  259 LEU A C   1 
ATOM   254 O  O   . LEU A 1 31 ? -0.775  0.867  -1.355  1.00 7.40  ?  259 LEU A O   1 
ATOM   255 C  CB  . LEU A 1 31 ? 0.090   3.884  -1.334  1.00 9.18  ?  259 LEU A CB  1 
ATOM   256 C  CG  . LEU A 1 31 ? 0.268   5.050  -0.367  1.00 13.10 ?  259 LEU A CG  1 
ATOM   257 C  CD1 . LEU A 1 31 ? 1.681   5.535  -0.447  1.00 15.15 ?  259 LEU A CD1 1 
ATOM   258 C  CD2 . LEU A 1 31 ? -0.686  6.165  -0.659  1.00 17.45 ?  259 LEU A CD2 1 
ATOM   259 N  N   . LYS A 1 32 ? -1.561  1.804  -3.240  1.00 7.67  ?  260 LYS A N   1 
ATOM   260 C  CA  . LYS A 1 32 ? -1.474  0.603  -4.051  1.00 6.36  ?  260 LYS A CA  1 
ATOM   261 C  C   . LYS A 1 32 ? -0.519  0.879  -5.192  1.00 8.00  ?  260 LYS A C   1 
ATOM   262 O  O   . LYS A 1 32 ? -0.553  1.957  -5.794  1.00 7.43  ?  260 LYS A O   1 
ATOM   263 C  CB  . LYS A 1 32 ? -2.863  0.186  -4.585  1.00 8.75  ?  260 LYS A CB  1 
ATOM   264 C  CG  . LYS A 1 32 ? -2.842  -1.015 -5.508  1.00 8.82  ?  260 LYS A CG  1 
ATOM   265 C  CD  . LYS A 1 32 ? -4.204  -1.329 -6.071  1.00 13.01 ?  260 LYS A CD  1 
ATOM   266 C  CE  . LYS A 1 32 ? -5.092  -1.975 -5.035  1.00 10.89 ?  260 LYS A CE  1 
ATOM   267 N  NZ  . LYS A 1 32 ? -4.518  -3.282 -4.588  1.00 12.11 ?  260 LYS A NZ  1 
ATOM   268 N  N   . CYS A 1 33 ? 0.356   -0.084 -5.459  1.00 7.75  ?  261 CYS A N   1 
ATOM   269 C  CA  . CYS A 1 33 ? 1.261   0.042  -6.590  1.00 9.91  ?  261 CYS A CA  1 
ATOM   270 C  C   . CYS A 1 33 ? 0.517   -0.240 -7.887  1.00 4.97  ?  261 CYS A C   1 
ATOM   271 O  O   . CYS A 1 33 ? -0.144  -1.277 -8.024  1.00 9.93  ?  261 CYS A O   1 
ATOM   272 C  CB  . CYS A 1 33 ? 2.446   -0.901 -6.458  1.00 7.25  ?  261 CYS A CB  1 
ATOM   273 S  SG  . CYS A 1 33 ? 3.581   -0.744 -7.877  1.00 9.65  ?  261 CYS A SG  1 
ATOM   274 N  N   . GLU A 1 34 ? 0.634   0.703  -8.830  1.00 7.30  ?  262 GLU A N   1 
ATOM   275 C  CA  . GLU A 1 34 ? -0.013  0.611  -10.135 1.00 10.40 ?  262 GLU A CA  1 
ATOM   276 C  C   . GLU A 1 34 ? 0.427   -0.615 -10.915 1.00 11.85 ?  262 GLU A C   1 
ATOM   277 O  O   . GLU A 1 34 ? -0.336  -1.129 -11.744 1.00 18.38 ?  262 GLU A O   1 
ATOM   278 C  CB  . GLU A 1 34 ? 0.290   1.880  -10.937 1.00 14.87 ?  262 GLU A CB  1 
ATOM   279 C  CG  . GLU A 1 34 ? -0.432  1.995  -12.279 1.00 18.54 ?  262 GLU A CG  1 
ATOM   280 C  CD  . GLU A 1 34 ? -1.920  2.240  -12.148 1.00 27.29 ?  262 GLU A CD  1 
ATOM   281 O  OE1 . GLU A 1 34 ? -2.684  1.633  -12.925 1.00 43.05 ?  262 GLU A OE1 1 
ATOM   282 O  OE2 . GLU A 1 34 ? -2.323  3.050  -11.294 1.00 27.39 ?  262 GLU A OE2 1 
ATOM   283 N  N   . ASP A 1 35 ? 1.633   -1.115 -10.658 1.00 9.72  ?  263 ASP A N   1 
ATOM   284 C  CA  . ASP A 1 35 ? 2.225   -2.138 -11.509 1.00 14.82 ?  263 ASP A CA  1 
ATOM   285 C  C   . ASP A 1 35 ? 2.205   -3.531 -10.898 1.00 16.46 ?  263 ASP A C   1 
ATOM   286 O  O   . ASP A 1 35 ? 2.025   -4.503 -11.636 1.00 17.44 ?  263 ASP A O   1 
ATOM   287 C  CB  . ASP A 1 35 ? 3.667   -1.760 -11.860 1.00 16.28 ?  263 ASP A CB  1 
ATOM   288 C  CG  . ASP A 1 35 ? 3.756   -0.417 -12.561 1.00 19.26 ?  263 ASP A CG  1 
ATOM   289 O  OD1 . ASP A 1 35 ? 3.043   -0.224 -13.579 1.00 21.05 ?  263 ASP A OD1 1 
ATOM   290 O  OD2 . ASP A 1 35 ? 4.515   0.461  -12.082 1.00 18.15 ?  263 ASP A OD2 1 
ATOM   291 N  N   . CYS A 1 36 ? 2.413   -3.664 -9.580  1.00 12.69 ?  264 CYS A N   1 
ATOM   292 C  CA  . CYS A 1 36 ? 2.448   -4.975 -8.937  1.00 13.16 ?  264 CYS A CA  1 
ATOM   293 C  C   . CYS A 1 36 ? 1.332   -5.193 -7.929  1.00 13.50 ?  264 CYS A C   1 
ATOM   294 O  O   . CYS A 1 36 ? 1.122   -6.331 -7.507  1.00 18.99 ?  264 CYS A O   1 
ATOM   295 C  CB  . CYS A 1 36 ? 3.808   -5.207 -8.248  1.00 13.01 ?  264 CYS A CB  1 
ATOM   296 S  SG  . CYS A 1 36 ? 4.095   -4.297 -6.699  1.00 13.17 ?  264 CYS A SG  1 
ATOM   297 N  N   . GLY A 1 37 ? 0.608   -4.151 -7.539  1.00 8.95  ?  265 GLY A N   1 
ATOM   298 C  CA  . GLY A 1 37 ? -0.542  -4.332 -6.679  1.00 11.26 ?  265 GLY A CA  1 
ATOM   299 C  C   . GLY A 1 37 ? -0.224  -4.355 -5.203  1.00 14.34 ?  265 GLY A C   1 
ATOM   300 O  O   . GLY A 1 37 ? -1.146  -4.526 -4.395  1.00 17.10 ?  265 GLY A O   1 
ATOM   301 N  N   . MET A 1 38 ? 1.049   -4.210 -4.834  1.00 10.59 ?  266 MET A N   1 
ATOM   302 C  CA  A MET A 1 38 ? 1.437   -4.099 -3.434  0.62 7.67  ?  266 MET A CA  1 
ATOM   303 C  CA  B MET A 1 38 ? 1.423   -4.114 -3.432  0.38 7.69  ?  266 MET A CA  1 
ATOM   304 C  C   . MET A 1 38 ? 0.610   -3.020 -2.752  1.00 6.71  ?  266 MET A C   1 
ATOM   305 O  O   . MET A 1 38 ? 0.332   -1.978 -3.337  1.00 8.61  ?  266 MET A O   1 
ATOM   306 C  CB  A MET A 1 38 ? 2.931   -3.766 -3.332  0.62 13.06 ?  266 MET A CB  1 
ATOM   307 C  CB  B MET A 1 38 ? 2.923   -3.826 -3.304  0.38 13.05 ?  266 MET A CB  1 
ATOM   308 C  CG  A MET A 1 38 ? 3.525   -3.850 -1.927  0.62 12.50 ?  266 MET A CG  1 
ATOM   309 C  CG  B MET A 1 38 ? 3.481   -3.929 -1.884  0.38 12.51 ?  266 MET A CG  1 
ATOM   310 S  SD  A MET A 1 38 ? 5.305   -3.538 -1.924  0.62 17.80 ?  266 MET A SD  1 
ATOM   311 S  SD  B MET A 1 38 ? 5.271   -3.690 -1.817  0.38 17.51 ?  266 MET A SD  1 
ATOM   312 C  CE  A MET A 1 38 ? 5.911   -5.218 -1.817  0.62 22.97 ?  266 MET A CE  1 
ATOM   313 C  CE  B MET A 1 38 ? 5.630   -4.233 -0.148  0.38 17.42 ?  266 MET A CE  1 
ATOM   314 N  N   . ASN A 1 39 ? 0.216   -3.270 -1.510  1.00 8.77  ?  267 ASN A N   1 
ATOM   315 C  CA  . ASN A 1 39 ? -0.525  -2.293 -0.718  1.00 7.89  ?  267 ASN A CA  1 
ATOM   316 C  C   . ASN A 1 39 ? 0.291   -1.894 0.497   1.00 7.98  ?  267 ASN A C   1 
ATOM   317 O  O   . ASN A 1 39 ? 0.791   -2.765 1.212   1.00 10.00 ?  267 ASN A O   1 
ATOM   318 C  CB  . ASN A 1 39 ? -1.867  -2.857 -0.258  1.00 6.46  ?  267 ASN A CB  1 
ATOM   319 C  CG  . ASN A 1 39 ? -2.667  -3.386 -1.392  1.00 9.43  ?  267 ASN A CG  1 
ATOM   320 O  OD1 . ASN A 1 39 ? -3.038  -2.643 -2.291  1.00 10.93 ?  267 ASN A OD1 1 
ATOM   321 N  ND2 . ASN A 1 39 ? -2.893  -4.683 -1.397  1.00 9.55  ?  267 ASN A ND2 1 
ATOM   322 N  N   . VAL A 1 40 ? 0.411   -0.585 0.758   1.00 5.87  ?  268 VAL A N   1 
ATOM   323 C  CA  . VAL A 1 40 ? 1.213   -0.122 1.893   1.00 6.50  ?  268 VAL A CA  1 
ATOM   324 C  C   . VAL A 1 40 ? 0.557   1.081  2.564   1.00 5.29  ?  268 VAL A C   1 
ATOM   325 O  O   . VAL A 1 40 ? -0.227  1.805  1.956   1.00 9.74  ?  268 VAL A O   1 
ATOM   326 C  CB  . VAL A 1 40 ? 2.664   0.254  1.493   1.00 6.50  ?  268 VAL A CB  1 
ATOM   327 C  CG1 . VAL A 1 40 ? 3.416   -0.954 0.912   1.00 8.28  ?  268 VAL A CG1 1 
ATOM   328 C  CG2 . VAL A 1 40 ? 2.652   1.448  0.545   1.00 9.88  ?  268 VAL A CG2 1 
ATOM   329 N  N   . HIS A 1 41 ? 0.903   1.290  3.839   1.00 8.22  ?  269 HIS A N   1 
ATOM   330 C  CA  . HIS A 1 41 ? 0.548   2.537  4.513   1.00 8.69  ?  269 HIS A CA  1 
ATOM   331 C  C   . HIS A 1 41 ? 1.227   3.721  3.832   1.00 5.90  ?  269 HIS A C   1 
ATOM   332 O  O   . HIS A 1 41 ? 2.290   3.589  3.226   1.00 11.47 ?  269 HIS A O   1 
ATOM   333 C  CB  . HIS A 1 41 ? 0.983   2.503  5.977   1.00 9.30  ?  269 HIS A CB  1 
ATOM   334 C  CG  . HIS A 1 41 ? 0.168   1.601  6.844   1.00 10.94 ?  269 HIS A CG  1 
ATOM   335 N  ND1 . HIS A 1 41 ? 0.642   0.393  7.315   1.00 11.42 ?  269 HIS A ND1 1 
ATOM   336 C  CD2 . HIS A 1 41 ? -1.076  1.746  7.360   1.00 11.13 ?  269 HIS A CD2 1 
ATOM   337 C  CE1 . HIS A 1 41 ? -0.288  -0.179 8.062   1.00 10.61 ?  269 HIS A CE1 1 
ATOM   338 N  NE2 . HIS A 1 41 ? -1.336  0.624  8.113   1.00 9.98  ?  269 HIS A NE2 1 
ATOM   339 N  N   . HIS A 1 42 ? 0.600   4.896  3.942   1.00 10.70 ?  270 HIS A N   1 
ATOM   340 C  CA  . HIS A 1 42 ? 1.241   6.124  3.483   1.00 15.90 ?  270 HIS A CA  1 
ATOM   341 C  C   . HIS A 1 42 ? 2.658   6.237  4.012   1.00 10.60 ?  270 HIS A C   1 
ATOM   342 O  O   . HIS A 1 42 ? 3.603   6.530  3.282   1.00 13.74 ?  270 HIS A O   1 
ATOM   343 C  CB  . HIS A 1 42 ? 0.440   7.355  3.910   1.00 16.33 ?  270 HIS A CB  1 
ATOM   344 C  CG  . HIS A 1 42 ? -0.901  7.470  3.258   1.00 24.84 ?  270 HIS A CG  1 
ATOM   345 N  ND1 . HIS A 1 42 ? -1.940  6.601  3.510   1.00 26.18 ?  270 HIS A ND1 1 
ATOM   346 C  CD2 . HIS A 1 42 ? -1.368  8.369  2.358   1.00 25.98 ?  270 HIS A CD2 1 
ATOM   347 C  CE1 . HIS A 1 42 ? -2.989  6.954  2.788   1.00 20.59 ?  270 HIS A CE1 1 
ATOM   348 N  NE2 . HIS A 1 42 ? -2.666  8.023  2.079   1.00 24.99 ?  270 HIS A NE2 1 
ATOM   349 N  N   . LYS A 1 43 ? 2.790   6.026  5.311   1.00 14.69 ?  271 LYS A N   1 
ATOM   350 C  CA  . LYS A 1 43 ? 4.069   6.184  5.978   1.00 18.52 ?  271 LYS A CA  1 
ATOM   351 C  C   . LYS A 1 43 ? 5.037   4.997  5.769   1.00 13.00 ?  271 LYS A C   1 
ATOM   352 O  O   . LYS A 1 43 ? 6.224   5.143  5.974   1.00 19.31 ?  271 LYS A O   1 
ATOM   353 C  CB  . LYS A 1 43 ? 3.872   6.509  7.471   1.00 19.19 ?  271 LYS A CB  1 
ATOM   354 C  CG  . LYS A 1 43 ? 3.585   7.982  7.764   1.00 33.69 ?  271 LYS A CG  1 
ATOM   355 C  CD  . LYS A 1 43 ? 2.100   8.293  7.714   1.00 38.70 ?  271 LYS A CD  1 
ATOM   356 C  CE  . LYS A 1 43 ? 1.841   9.731  7.256   1.00 46.09 ?  271 LYS A CE  1 
ATOM   357 N  NZ  . LYS A 1 43 ? 2.292   10.743 8.259   1.00 46.08 ?  271 LYS A NZ  1 
ATOM   358 N  N   . CYS A 1 44 ? 4.534   3.864  5.312   1.00 11.69 ?  272 CYS A N   1 
ATOM   359 C  CA  . CYS A 1 44 ? 5.418   2.762  4.942   1.00 11.16 ?  272 CYS A CA  1 
ATOM   360 C  C   . CYS A 1 44 ? 5.975   2.898  3.531   1.00 14.61 ?  272 CYS A C   1 
ATOM   361 O  O   . CYS A 1 44 ? 6.881   2.151  3.164   1.00 13.80 ?  272 CYS A O   1 
ATOM   362 C  CB  . CYS A 1 44 ? 4.683   1.428  5.087   1.00 13.07 ?  272 CYS A CB  1 
ATOM   363 S  SG  . CYS A 1 44 ? 4.321   1.019  6.785   1.00 13.45 ?  272 CYS A SG  1 
ATOM   364 N  N   . ARG A 1 45 ? 5.434   3.801  2.726   1.00 13.29 ?  273 ARG A N   1 
ATOM   365 C  CA  . ARG A 1 45 ? 5.873   3.895  1.345   1.00 10.40 ?  273 ARG A CA  1 
ATOM   366 C  C   . ARG A 1 45 ? 7.381   4.076  1.229   1.00 12.12 ?  273 ARG A C   1 
ATOM   367 O  O   . ARG A 1 45 ? 8.028   3.406  0.423   1.00 15.31 ?  273 ARG A O   1 
ATOM   368 C  CB  . ARG A 1 45 ? 5.212   5.066  0.651   1.00 20.29 ?  273 ARG A CB  1 
ATOM   369 C  CG  . ARG A 1 45 ? 5.560   5.160  -0.825  1.00 22.31 ?  273 ARG A CG  1 
ATOM   370 C  CD  . ARG A 1 45 ? 4.749   6.324  -1.321  1.00 23.77 ?  273 ARG A CD  1 
ATOM   371 N  NE  . ARG A 1 45 ? 4.891   6.689  -2.723  1.00 37.21 ?  273 ARG A NE  1 
ATOM   372 C  CZ  . ARG A 1 45 ? 4.208   7.699  -3.268  1.00 40.14 ?  273 ARG A CZ  1 
ATOM   373 N  NH1 . ARG A 1 45 ? 3.417   8.449  -2.503  1.00 37.98 ?  273 ARG A NH1 1 
ATOM   374 N  NH2 . ARG A 1 45 ? 4.378   8.012  -4.545  1.00 41.07 ?  273 ARG A NH2 1 
ATOM   375 N  N   . GLU A 1 46 ? 7.955   5.005  1.998   1.00 14.54 ?  274 GLU A N   1 
ATOM   376 C  CA  . GLU A 1 46 ? 9.381   5.303  1.858   1.00 14.35 ?  274 GLU A CA  1 
ATOM   377 C  C   . GLU A 1 46 ? 10.274  4.156  2.307   1.00 21.08 ?  274 GLU A C   1 
ATOM   378 O  O   . GLU A 1 46 ? 11.467  4.158  1.976   1.00 23.34 ?  274 GLU A O   1 
ATOM   379 C  CB  . GLU A 1 46 ? 9.717   6.568  2.652   1.00 21.86 ?  274 GLU A CB  1 
ATOM   380 C  CG  . GLU A 1 46 ? 9.480   6.393  4.148   1.00 36.91 ?  274 GLU A CG  1 
ATOM   381 C  CD  . GLU A 1 46 ? 9.990   7.553  4.983   1.00 44.82 ?  274 GLU A CD  1 
ATOM   382 O  OE1 . GLU A 1 46 ? 10.096  8.673  4.434   1.00 51.11 ?  274 GLU A OE1 1 
ATOM   383 O  OE2 . GLU A 1 46 ? 10.272  7.344  6.188   1.00 44.42 ?  274 GLU A OE2 1 
ATOM   384 N  N   . LYS A 1 47 ? 9.727   3.164  3.009   1.00 17.70 ?  275 LYS A N   1 
ATOM   385 C  CA  . LYS A 1 47 ? 10.528  2.090  3.575   1.00 17.42 ?  275 LYS A CA  1 
ATOM   386 C  C   . LYS A 1 47 ? 10.430  0.778  2.805   1.00 12.43 ?  275 LYS A C   1 
ATOM   387 O  O   . LYS A 1 47 ? 11.175  -0.151 3.112   1.00 16.15 ?  275 LYS A O   1 
ATOM   388 C  CB  . LYS A 1 47 ? 10.119  1.862  5.034   1.00 20.75 ?  275 LYS A CB  1 
ATOM   389 C  CG  . LYS A 1 47 ? 10.088  3.168  5.825   1.00 27.78 ?  275 LYS A CG  1 
ATOM   390 C  CD  . LYS A 1 47 ? 9.775   2.981  7.293   1.00 32.58 ?  275 LYS A CD  1 
ATOM   391 C  CE  . LYS A 1 47 ? 10.721  3.869  8.104   1.00 36.98 ?  275 LYS A CE  1 
ATOM   392 N  NZ  . LYS A 1 47 ? 12.150  3.417  7.979   1.00 27.00 ?  275 LYS A NZ  1 
ATOM   393 N  N   . VAL A 1 48 ? 9.526   0.668  1.827   1.00 15.45 ?  276 VAL A N   1 
ATOM   394 C  CA  A VAL A 1 48 ? 9.431   -0.587 1.089   0.54 16.40 ?  276 VAL A CA  1 
ATOM   395 C  CA  B VAL A 1 48 ? 9.390   -0.543 1.020   0.46 16.44 ?  276 VAL A CA  1 
ATOM   396 C  C   . VAL A 1 48 ? 10.631  -0.747 0.158   1.00 18.33 ?  276 VAL A C   1 
ATOM   397 O  O   . VAL A 1 48 ? 11.304  0.215  -0.225  1.00 25.76 ?  276 VAL A O   1 
ATOM   398 C  CB  A VAL A 1 48 ? 8.112   -0.679 0.308   0.54 18.85 ?  276 VAL A CB  1 
ATOM   399 C  CB  B VAL A 1 48 ? 8.129   -0.426 0.145   0.46 18.94 ?  276 VAL A CB  1 
ATOM   400 C  CG1 A VAL A 1 48 ? 6.961   -0.487 1.241   0.54 19.53 ?  276 VAL A CG1 1 
ATOM   401 C  CG1 B VAL A 1 48 ? 7.957   -1.642 -0.746  0.46 18.82 ?  276 VAL A CG1 1 
ATOM   402 C  CG2 A VAL A 1 48 ? 8.078   0.342  -0.811  0.54 16.52 ?  276 VAL A CG2 1 
ATOM   403 C  CG2 B VAL A 1 48 ? 6.922   -0.227 1.012   0.46 19.49 ?  276 VAL A CG2 1 
ATOM   404 N  N   . ALA A 1 49 ? 10.921  -2.011 -0.177  1.00 26.24 ?  277 ALA A N   1 
ATOM   405 C  CA  . ALA A 1 49 ? 11.978  -2.327 -1.131  1.00 30.53 ?  277 ALA A CA  1 
ATOM   406 C  C   . ALA A 1 49 ? 11.588  -1.869 -2.531  1.00 27.10 ?  277 ALA A C   1 
ATOM   407 O  O   . ALA A 1 49 ? 10.479  -2.148 -2.996  1.00 38.82 ?  277 ALA A O   1 
ATOM   408 C  CB  . ALA A 1 49 ? 12.262  -3.827 -1.131  1.00 35.83 ?  277 ALA A CB  1 
ATOM   409 N  N   . ASN A 1 50 ? 12.510  -1.184 -3.205  1.00 31.63 ?  278 ASN A N   1 
ATOM   410 C  CA  . ASN A 1 50 ? 12.241  -0.524 -4.478  1.00 30.27 ?  278 ASN A CA  1 
ATOM   411 C  C   . ASN A 1 50 ? 12.349  -1.421 -5.705  1.00 30.00 ?  278 ASN A C   1 
ATOM   412 O  O   . ASN A 1 50 ? 12.648  -0.927 -6.794  1.00 38.67 ?  278 ASN A O   1 
ATOM   413 C  CB  . ASN A 1 50 ? 13.199  0.655  -4.666  1.00 44.37 ?  278 ASN A CB  1 
ATOM   414 C  CG  . ASN A 1 50 ? 12.982  1.754  -3.654  1.00 55.05 ?  278 ASN A CG  1 
ATOM   415 O  OD1 . ASN A 1 50 ? 13.841  2.026  -2.810  1.00 54.65 ?  278 ASN A OD1 1 
ATOM   416 N  ND2 . ASN A 1 50 ? 11.837  2.421  -3.754  1.00 56.78 ?  278 ASN A ND2 1 
ATOM   417 N  N   . LEU A 1 51 ? 12.118  -2.722 -5.565  1.00 31.09 ?  279 LEU A N   1 
ATOM   418 C  CA  . LEU A 1 51 ? 12.176  -3.638 -6.705  1.00 28.31 ?  279 LEU A CA  1 
ATOM   419 C  C   . LEU A 1 51 ? 10.747  -4.078 -7.019  1.00 21.67 ?  279 LEU A C   1 
ATOM   420 O  O   . LEU A 1 51 ? 10.220  -5.034 -6.441  1.00 23.92 ?  279 LEU A O   1 
ATOM   421 C  CB  . LEU A 1 51 ? 13.091  -4.830 -6.429  1.00 27.08 ?  279 LEU A CB  1 
ATOM   422 C  CG  . LEU A 1 51 ? 14.593  -4.572 -6.397  1.00 28.98 ?  279 LEU A CG  1 
ATOM   423 C  CD1 . LEU A 1 51 ? 15.321  -5.896 -6.470  1.00 24.97 ?  279 LEU A CD1 1 
ATOM   424 C  CD2 . LEU A 1 51 ? 15.045  -3.658 -7.517  1.00 20.81 ?  279 LEU A CD2 1 
ATOM   425 N  N   . CYS A 1 52 ? 10.125  -3.374 -7.950  1.00 14.64 ?  280 CYS A N   1 
ATOM   426 C  CA  . CYS A 1 52 ? 8.766   -3.686 -8.336  1.00 18.66 ?  280 CYS A CA  1 
ATOM   427 C  C   . CYS A 1 52 ? 8.757   -4.828 -9.358  1.00 30.14 ?  280 CYS A C   1 
ATOM   428 O  O   . CYS A 1 52 ? 9.418   -4.731 -10.400 1.00 27.03 ?  280 CYS A O   1 
ATOM   429 C  CB  . CYS A 1 52 ? 8.087   -2.433 -8.894  1.00 17.73 ?  280 CYS A CB  1 
ATOM   430 S  SG  . CYS A 1 52 ? 6.367   -2.643 -9.384  1.00 13.63 ?  280 CYS A SG  1 
HETATM 431 O  O1  . XP5 B 2 .  ? -10.791 3.943  10.402  1.00 58.04 -1 301 XP5 A O1  1 
HETATM 432 O  O2  . XP5 B 2 .  ? -9.990  3.849  12.733  1.00 49.22 ?  301 XP5 A O2  1 
HETATM 433 P  P1  . XP5 B 2 .  ? -11.021 4.449  11.805  1.00 82.57 ?  301 XP5 A P1  1 
HETATM 434 O  O3  . XP5 B 2 .  ? -12.549 4.009  12.312  1.00 45.03 ?  301 XP5 A O3  1 
HETATM 435 C  C1  . XP5 B 2 .  ? -13.198 2.919  11.655  1.00 35.29 ?  301 XP5 A C1  1 
HETATM 436 C  C2  . XP5 B 2 .  ? -14.041 2.148  12.704  1.00 48.32 ?  301 XP5 A C2  1 
HETATM 437 N  N1  . XP5 B 2 .  ? -14.159 0.730  12.325  1.00 39.70 ?  301 XP5 A N1  1 
HETATM 438 C  C3  . XP5 B 2 .  ? -14.809 0.628  11.028  1.00 31.90 ?  301 XP5 A C3  1 
HETATM 439 C  C4  . XP5 B 2 .  ? -12.832 0.135  12.252  1.00 32.62 ?  301 XP5 A C4  1 
HETATM 440 C  C5  . XP5 B 2 .  ? -14.952 0.026  13.323  1.00 25.25 ?  301 XP5 A C5  1 
HETATM 441 O  O4  . XP5 B 2 .  ? -10.885 6.119  11.826  1.00 59.48 ?  301 XP5 A O4  1 
HETATM 442 C  C6  . XP5 B 2 .  ? -9.628  6.699  11.512  1.00 54.47 ?  301 XP5 A C6  1 
HETATM 443 C  C8  . XP5 B 2 .  ? -11.154 7.947  9.814   1.00 51.98 ?  301 XP5 A C8  1 
HETATM 444 O  O5  . XP5 B 2 .  ? -10.945 6.952  8.816   1.00 52.39 ?  301 XP5 A O5  1 
HETATM 445 C  C9  . XP5 B 2 .  ? -10.604 7.483  7.526   1.00 42.15 ?  301 XP5 A C9  1 
HETATM 446 O  O6  . XP5 B 2 .  ? -11.237 7.175  6.572   1.00 29.82 ?  301 XP5 A O6  1 
HETATM 447 C  C10 . XP5 B 2 .  ? -9.399  8.467  7.381   1.00 40.24 ?  301 XP5 A C10 1 
HETATM 448 C  C11 . XP5 B 2 .  ? -8.108  7.922  8.046   1.00 41.58 ?  301 XP5 A C11 1 
HETATM 449 C  C12 . XP5 B 2 .  ? -6.852  8.770  7.685   1.00 41.84 ?  301 XP5 A C12 1 
HETATM 450 C  C13 . XP5 B 2 .  ? -6.079  8.188  6.471   1.00 33.03 ?  301 XP5 A C13 1 
HETATM 451 C  C14 . XP5 B 2 .  ? -5.477  9.294  5.575   1.00 31.71 ?  301 XP5 A C14 1 
HETATM 452 C  C15 . XP5 B 2 .  ? -5.501  8.913  4.089   1.00 27.36 ?  301 XP5 A C15 1 
HETATM 453 O  O7  . XP5 B 2 .  ? -10.885 11.189 11.625  1.00 39.99 ?  301 XP5 A O7  1 
HETATM 454 C  C17 . XP5 B 2 .  ? -10.257 10.362 11.061  1.00 42.00 ?  301 XP5 A C17 1 
HETATM 455 O  O8  . XP5 B 2 .  ? -10.062 9.084  11.659  1.00 54.66 ?  301 XP5 A O8  1 
HETATM 456 C  C18 . XP5 B 2 .  ? -9.645  10.669 9.666   1.00 34.48 ?  301 XP5 A C18 1 
HETATM 457 C  CAM . XP5 B 2 .  ? -9.879  8.019  10.712  1.00 50.91 ?  301 XP5 A CAM 1 
HETATM 458 O  O1  . XP5 C 2 .  ? -10.812 -3.049 -2.702  1.00 25.48 -1 302 XP5 A O1  1 
HETATM 459 O  O2  . XP5 C 2 .  ? -9.469  -4.010 -4.400  1.00 51.74 ?  302 XP5 A O2  1 
HETATM 460 P  P1  . XP5 C 2 .  ? -10.884 -3.997 -3.864  1.00 67.57 ?  302 XP5 A P1  1 
HETATM 461 O  O3  . XP5 C 2 .  ? -11.275 -5.522 -3.361  1.00 50.87 ?  302 XP5 A O3  1 
HETATM 462 C  C1  . XP5 C 2 .  ? -12.533 -6.073 -3.706  1.00 45.37 ?  302 XP5 A C1  1 
HETATM 463 C  C2  . XP5 C 2 .  ? -13.577 -5.446 -2.747  1.00 43.82 ?  302 XP5 A C2  1 
HETATM 464 N  N1  . XP5 C 2 .  ? -14.917 -6.110 -2.725  1.00 50.49 ?  302 XP5 A N1  1 
HETATM 465 C  C3  . XP5 C 2 .  ? -15.600 -5.743 -3.980  1.00 47.48 ?  302 XP5 A C3  1 
HETATM 466 C  C4  . XP5 C 2 .  ? -15.860 -5.742 -1.649  1.00 29.48 ?  302 XP5 A C4  1 
HETATM 467 C  C5  . XP5 C 2 .  ? -14.724 -7.566 -2.646  1.00 48.45 ?  302 XP5 A C5  1 
HETATM 468 O  O4  . XP5 C 2 .  ? -11.812 -3.626 -5.181  1.00 59.95 ?  302 XP5 A O4  1 
HETATM 469 C  C6  . XP5 C 2 .  ? -11.339 -4.234 -6.379  1.00 52.74 ?  302 XP5 A C6  1 
HETATM 470 C  C8  . XP5 C 2 .  ? -13.277 -3.375 -7.880  1.00 50.50 ?  302 XP5 A C8  1 
HETATM 471 O  O5  . XP5 C 2 .  ? -13.660 -2.756 -6.683  1.00 51.70 ?  302 XP5 A O5  1 
HETATM 472 C  C9  . XP5 C 2 .  ? -13.874 -1.384 -6.801  1.00 37.45 ?  302 XP5 A C9  1 
HETATM 473 O  O6  . XP5 C 2 .  ? -14.950 -1.021 -6.496  1.00 42.56 ?  302 XP5 A O6  1 
HETATM 474 C  C10 . XP5 C 2 .  ? -12.780 -0.389 -7.273  1.00 29.81 ?  302 XP5 A C10 1 
HETATM 475 C  C11 . XP5 C 2 .  ? -12.754 0.039  -8.769  1.00 41.31 ?  302 XP5 A C11 1 
HETATM 476 C  C12 . XP5 C 2 .  ? -11.467 0.782  -9.296  1.00 20.38 ?  302 XP5 A C12 1 
HETATM 477 C  C13 . XP5 C 2 .  ? -10.190 -0.104 -9.077  1.00 24.20 ?  302 XP5 A C13 1 
HETATM 478 C  C14 . XP5 C 2 .  ? -8.817  0.447  -9.520  1.00 30.34 ?  302 XP5 A C14 1 
HETATM 479 C  C15 . XP5 C 2 .  ? -8.464  0.279  -11.024 1.00 43.91 ?  302 XP5 A C15 1 
HETATM 480 O  O7  . XP5 C 2 .  ? -10.577 -3.175 -10.304 1.00 53.45 ?  302 XP5 A O7  1 
HETATM 481 C  C17 . XP5 C 2 .  ? -10.144 -2.990 -9.253  1.00 53.04 ?  302 XP5 A C17 1 
HETATM 482 O  O8  . XP5 C 2 .  ? -11.020 -2.621 -8.216  1.00 54.16 ?  302 XP5 A O8  1 
HETATM 483 C  C18 . XP5 C 2 .  ? -8.625  -3.183 -9.044  1.00 59.97 ?  302 XP5 A C18 1 
HETATM 484 C  C19 . XP5 C 2 .  ? -7.688  -2.281 -9.909  1.00 51.52 ?  302 XP5 A C19 1 
HETATM 485 C  C20 . XP5 C 2 .  ? -6.735  -1.436 -9.018  1.00 40.98 ?  302 XP5 A C20 1 
HETATM 486 C  C21 . XP5 C 2 .  ? -5.996  -0.261 -9.708  1.00 34.68 ?  302 XP5 A C21 1 
HETATM 487 C  C22 . XP5 C 2 .  ? -4.471  -0.425 -9.733  1.00 30.98 ?  302 XP5 A C22 1 
HETATM 488 C  C23 . XP5 C 2 .  ? -3.837  -0.583 -11.152 1.00 27.29 ?  302 XP5 A C23 1 
HETATM 489 C  CAM . XP5 C 2 .  ? -11.794 -3.675 -7.741  1.00 53.35 ?  302 XP5 A CAM 1 
HETATM 490 ZN ZN  . ZN  D 3 .  ? 5.175   -2.402 -7.429  1.00 12.89 ?  303 ZN  A ZN  1 
HETATM 491 ZN ZN  . ZN  E 3 .  ? 2.515   -0.419 6.919   1.00 11.34 ?  304 ZN  A ZN  1 
HETATM 492 C  C16 . WTS F 4 .  ? -11.536 -2.587 11.229  1.00 18.77 ?  305 WTS A C16 1 
HETATM 493 C  C15 . WTS F 4 .  ? -12.445 -2.995 8.920   1.00 12.33 ?  305 WTS A C15 1 
HETATM 494 C  C14 . WTS F 4 .  ? -11.746 -2.246 9.790   1.00 14.02 ?  305 WTS A C14 1 
HETATM 495 C  C11 . WTS F 4 .  ? -10.654 -1.387 5.263   1.00 9.19  ?  305 WTS A C11 1 
HETATM 496 C  C10 . WTS F 4 .  ? -10.509 -0.680 6.595   1.00 8.47  ?  305 WTS A C10 1 
HETATM 497 C  C9  . WTS F 4 .  ? -11.281 -1.350 7.690   1.00 12.48 ?  305 WTS A C9  1 
HETATM 498 C  C12 . WTS F 4 .  ? -11.826 -1.743 4.718   1.00 11.10 ?  305 WTS A C12 1 
HETATM 499 C  C13 . WTS F 4 .  ? -11.137 -1.102 9.137   1.00 8.76  ?  305 WTS A C13 1 
HETATM 500 C  C8  . WTS F 4 .  ? -12.268 -2.502 7.478   1.00 12.95 ?  305 WTS A C8  1 
HETATM 501 O  O1  . WTS F 4 .  ? -13.791 -3.704 6.175   1.00 10.62 ?  305 WTS A O1  1 
HETATM 502 C  C2  . WTS F 4 .  ? -14.844 -1.750 7.121   1.00 11.37 ?  305 WTS A C2  1 
HETATM 503 C  C7  . WTS F 4 .  ? -13.525 -2.357 6.566   1.00 9.88  ?  305 WTS A C7  1 
HETATM 504 C  C6  . WTS F 4 .  ? -13.213 -1.524 5.299   1.00 11.80 ?  305 WTS A C6  1 
HETATM 505 C  C5  . WTS F 4 .  ? -14.211 -1.712 4.148   1.00 10.82 ?  305 WTS A C5  1 
HETATM 506 C  C4  . WTS F 4 .  ? -15.665 -1.809 4.622   1.00 18.31 ?  305 WTS A C4  1 
HETATM 507 C  C3  . WTS F 4 .  ? -15.993 -1.889 6.114   1.00 16.05 ?  305 WTS A C3  1 
HETATM 508 C  C1  . WTS F 4 .  ? -15.407 -2.329 8.416   1.00 11.50 ?  305 WTS A C1  1 
HETATM 509 C  C17 . WTS F 4 .  ? -9.390  -1.663 4.486   1.00 9.44  ?  305 WTS A C17 1 
HETATM 510 C  C18 . WTS F 4 .  ? -15.184 -0.529 3.945   1.00 8.90  ?  305 WTS A C18 1 
HETATM 511 C  C19 . WTS F 4 .  ? -15.055 0.750  4.776   1.00 12.40 ?  305 WTS A C19 1 
HETATM 512 C  C20 . WTS F 4 .  ? -15.679 -0.343 2.517   1.00 16.48 ?  305 WTS A C20 1 
HETATM 513 C  C21 . WTS F 4 .  ? -16.460 -3.917 3.574   1.00 12.67 ?  305 WTS A C21 1 
HETATM 514 C  C22 . WTS F 4 .  ? -17.392 -4.528 2.558   1.00 24.31 ?  305 WTS A C22 1 
HETATM 515 C  C23 . WTS F 4 .  ? -18.146 -5.679 3.184   1.00 28.95 ?  305 WTS A C23 1 
HETATM 516 C  C24 . WTS F 4 .  ? -17.422 -6.960 2.838   1.00 35.05 ?  305 WTS A C24 1 
HETATM 517 C  C25 . WTS F 4 .  ? -18.319 -1.455 6.645   1.00 18.31 ?  305 WTS A C25 1 
HETATM 518 C  C26 . WTS F 4 .  ? -19.387 -0.495 7.067   1.00 29.73 ?  305 WTS A C26 1 
HETATM 519 C  C27 . WTS F 4 .  ? -18.924 0.899  6.691   1.00 23.06 ?  305 WTS A C27 1 
HETATM 520 C  C28 . WTS F 4 .  ? -18.341 1.580  7.900   1.00 31.13 ?  305 WTS A C28 1 
HETATM 521 O  O2  . WTS F 4 .  ? -12.230 -0.241 7.672   1.00 12.06 ?  305 WTS A O2  1 
HETATM 522 O  O3  . WTS F 4 .  ? -10.556 -0.167 9.668   1.00 11.28 ?  305 WTS A O3  1 
HETATM 523 O  O4  . WTS F 4 .  ? -8.469  -2.504 5.191   1.00 10.53 ?  305 WTS A O4  1 
HETATM 524 O  O5  . WTS F 4 .  ? -16.559 -2.500 3.784   1.00 14.91 ?  305 WTS A O5  1 
HETATM 525 O  O6  . WTS F 4 .  ? -15.651 -4.578 4.209   1.00 19.56 ?  305 WTS A O6  1 
HETATM 526 O  O7  . WTS F 4 .  ? -17.000 -0.916 6.373   1.00 16.66 ?  305 WTS A O7  1 
HETATM 527 O  O8  . WTS F 4 .  ? -18.530 -2.649 6.542   1.00 19.14 ?  305 WTS A O8  1 
HETATM 528 O  O   . HOH G 5 .  ? 10.068  1.658  -5.150  1.00 20.33 ?  401 HOH A O   1 
HETATM 529 O  O   . HOH G 5 .  ? 12.610  -3.994 -10.461 1.00 30.65 ?  402 HOH A O   1 
HETATM 530 O  O   . HOH G 5 .  ? 0.914   -0.657 -14.808 1.00 23.01 ?  403 HOH A O   1 
HETATM 531 O  O   . HOH G 5 .  ? -9.974  -8.405 1.456   1.00 32.85 ?  404 HOH A O   1 
HETATM 532 O  O   . HOH G 5 .  ? 0.133   -9.368 2.643   1.00 27.97 ?  405 HOH A O   1 
HETATM 533 O  O   . HOH G 5 .  ? 10.807  -4.997 -3.920  1.00 28.69 ?  406 HOH A O   1 
HETATM 534 O  O   . HOH G 5 .  ? -7.680  -5.379 -1.068  1.00 19.94 ?  407 HOH A O   1 
HETATM 535 O  O   . HOH G 5 .  ? -2.137  -6.426 1.004   1.00 14.24 ?  408 HOH A O   1 
HETATM 536 O  O   . HOH G 5 .  ? -1.924  4.797  5.457   1.00 17.67 ?  409 HOH A O   1 
HETATM 537 O  O   . HOH G 5 .  ? 8.457   5.559  -8.348  0.50 26.49 ?  410 HOH A O   1 
HETATM 538 O  O   . HOH G 5 .  ? -4.581  3.406  7.169   1.00 17.81 ?  411 HOH A O   1 
HETATM 539 O  O   . HOH G 5 .  ? 7.294   -0.069 -11.700 1.00 15.23 ?  412 HOH A O   1 
HETATM 540 O  O   . HOH G 5 .  ? 8.660   -4.241 2.363   1.00 16.40 ?  413 HOH A O   1 
HETATM 541 O  O   . HOH G 5 .  ? -2.309  -2.580 -9.001  1.00 21.97 ?  414 HOH A O   1 
HETATM 542 O  O   . HOH G 5 .  ? -6.965  -4.437 -3.419  1.00 20.35 ?  415 HOH A O   1 
HETATM 543 O  O   . HOH G 5 .  ? -4.828  8.453  -5.823  1.00 22.15 ?  416 HOH A O   1 
HETATM 544 O  O   . HOH G 5 .  ? -12.419 8.490  -1.040  1.00 31.11 ?  417 HOH A O   1 
HETATM 545 O  O   . HOH G 5 .  ? -3.452  -4.519 12.342  1.00 18.21 ?  418 HOH A O   1 
HETATM 546 O  O   . HOH G 5 .  ? -13.012 3.040  0.801   1.00 14.78 ?  419 HOH A O   1 
HETATM 547 O  O   . HOH G 5 .  ? 3.497   8.627  1.343   1.00 30.07 ?  420 HOH A O   1 
HETATM 548 O  O   . HOH G 5 .  ? 6.641   7.359  3.034   1.00 31.24 ?  421 HOH A O   1 
HETATM 549 O  O   . HOH G 5 .  ? -3.774  2.182  8.979   1.00 18.77 ?  422 HOH A O   1 
HETATM 550 O  O   . HOH G 5 .  ? -2.498  -2.065 13.603  1.00 23.84 ?  423 HOH A O   1 
HETATM 551 O  O   . HOH G 5 .  ? -4.072  -7.907 2.385   1.00 17.53 ?  424 HOH A O   1 
HETATM 552 O  O   . HOH G 5 .  ? 5.869   5.285  -5.680  1.00 17.14 ?  425 HOH A O   1 
HETATM 553 O  O   . HOH G 5 .  ? 0.376   5.917  7.066   1.00 18.52 ?  426 HOH A O   1 
HETATM 554 O  O   . HOH G 5 .  ? 0.300   8.469  -7.738  1.00 23.84 ?  427 HOH A O   1 
HETATM 555 O  O   . HOH G 5 .  ? 8.584   -2.869 -12.633 1.00 25.19 ?  428 HOH A O   1 
HETATM 556 O  O   . HOH G 5 .  ? -9.077  9.151  -3.399  1.00 16.50 ?  429 HOH A O   1 
HETATM 557 O  O   . HOH G 5 .  ? -4.377  10.570 1.340   1.00 27.03 ?  430 HOH A O   1 
HETATM 558 O  O   . HOH G 5 .  ? 12.859  6.133  -0.217  1.00 43.61 ?  431 HOH A O   1 
HETATM 559 O  O   . HOH G 5 .  ? -2.121  9.419  -5.877  1.00 19.04 ?  432 HOH A O   1 
HETATM 560 O  O   . HOH G 5 .  ? 10.574  2.467  11.040  1.00 23.14 ?  433 HOH A O   1 
HETATM 561 O  O   . HOH G 5 .  ? 5.594   -4.873 -11.615 1.00 22.02 ?  434 HOH A O   1 
HETATM 562 O  O   . HOH G 5 .  ? -0.578  8.753  7.264   1.00 30.00 ?  435 HOH A O   1 
HETATM 563 O  O   . HOH G 5 .  ? 6.806   -6.402 -6.511  1.00 28.39 ?  436 HOH A O   1 
HETATM 564 O  O   . HOH G 5 .  ? 2.357   3.094  9.151   1.00 28.53 ?  437 HOH A O   1 
HETATM 565 O  O   . HOH G 5 .  ? 8.139   4.184  -4.102  1.00 30.71 ?  438 HOH A O   1 
HETATM 566 O  O   . HOH G 5 .  ? -6.035  9.717  10.894  1.00 28.83 ?  439 HOH A O   1 
HETATM 567 O  O   . HOH G 5 .  ? -6.694  10.386 -3.665  1.00 21.43 ?  440 HOH A O   1 
HETATM 568 O  O   . HOH G 5 .  ? -14.572 2.703  -1.325  1.00 29.39 ?  441 HOH A O   1 
HETATM 569 O  O   . HOH G 5 .  ? -12.891 10.530 0.441   1.00 37.11 ?  442 HOH A O   1 
# 
loop_
_pdbx_poly_seq_scheme.asym_id 
_pdbx_poly_seq_scheme.entity_id 
_pdbx_poly_seq_scheme.seq_id 
_pdbx_poly_seq_scheme.mon_id 
_pdbx_poly_seq_scheme.ndb_seq_num 
_pdbx_poly_seq_scheme.pdb_seq_num 
_pdbx_poly_seq_scheme.auth_seq_num 
_pdbx_poly_seq_scheme.pdb_mon_id 
_pdbx_poly_seq_scheme.auth_mon_id 
_pdbx_poly_seq_scheme.pdb_strand_id 
_pdbx_poly_seq_scheme.pdb_ins_code 
_pdbx_poly_seq_scheme.hetero 
A 1 1  MET 1  229 229 MET MET A . n 
A 1 2  PRO 2  230 230 PRO PRO A . n 
A 1 3  HIS 3  231 231 HIS HIS A . n 
A 1 4  ARG 4  232 232 ARG ARG A . n 
A 1 5  PHE 5  233 233 PHE PHE A . n 
A 1 6  LYS 6  234 234 LYS LYS A . n 
A 1 7  VAL 7  235 235 VAL VAL A . n 
A 1 8  TYR 8  236 236 TYR TYR A . n 
A 1 9  ASN 9  237 237 ASN ASN A . n 
A 1 10 TYR 10 238 238 TYR TYR A . n 
A 1 11 MET 11 239 239 MET MET A . n 
A 1 12 SER 12 240 240 SER SER A . n 
A 1 13 PRO 13 241 241 PRO PRO A . n 
A 1 14 THR 14 242 242 THR THR A . n 
A 1 15 PHE 15 243 243 PHE PHE A . n 
A 1 16 CYS 16 244 244 CYS CYS A . n 
A 1 17 ASP 17 245 245 ASP ASP A . n 
A 1 18 HIS 18 246 246 HIS HIS A . n 
A 1 19 CYS 19 247 247 CYS CYS A . n 
A 1 20 GLY 20 248 248 GLY GLY A . n 
A 1 21 SER 21 249 249 SER SER A . n 
A 1 22 LEU 22 250 250 LEU LEU A . n 
A 1 23 LEU 23 251 251 LEU LEU A . n 
A 1 24 TRP 24 252 252 TRP TRP A . n 
A 1 25 GLY 25 253 253 GLY GLY A . n 
A 1 26 LEU 26 254 254 LEU LEU A . n 
A 1 27 VAL 27 255 255 VAL VAL A . n 
A 1 28 LYS 28 256 256 LYS LYS A . n 
A 1 29 GLN 29 257 257 GLN GLN A . n 
A 1 30 GLY 30 258 258 GLY GLY A . n 
A 1 31 LEU 31 259 259 LEU LEU A . n 
A 1 32 LYS 32 260 260 LYS LYS A . n 
A 1 33 CYS 33 261 261 CYS CYS A . n 
A 1 34 GLU 34 262 262 GLU GLU A . n 
A 1 35 ASP 35 263 263 ASP ASP A . n 
A 1 36 CYS 36 264 264 CYS CYS A . n 
A 1 37 GLY 37 265 265 GLY GLY A . n 
A 1 38 MET 38 266 266 MET MET A . n 
A 1 39 ASN 39 267 267 ASN ASN A . n 
A 1 40 VAL 40 268 268 VAL VAL A . n 
A 1 41 HIS 41 269 269 HIS HIS A . n 
A 1 42 HIS 42 270 270 HIS HIS A . n 
A 1 43 LYS 43 271 271 LYS LYS A . n 
A 1 44 CYS 44 272 272 CYS CYS A . n 
A 1 45 ARG 45 273 273 ARG ARG A . n 
A 1 46 GLU 46 274 274 GLU GLU A . n 
A 1 47 LYS 47 275 275 LYS LYS A . n 
A 1 48 VAL 48 276 276 VAL VAL A . n 
A 1 49 ALA 49 277 277 ALA ALA A . n 
A 1 50 ASN 50 278 278 ASN ASN A . n 
A 1 51 LEU 51 279 279 LEU LEU A . n 
A 1 52 CYS 52 280 280 CYS CYS A . n 
A 1 53 GLY 53 281 ?   ?   ?   A . n 
# 
loop_
_pdbx_nonpoly_scheme.asym_id 
_pdbx_nonpoly_scheme.entity_id 
_pdbx_nonpoly_scheme.mon_id 
_pdbx_nonpoly_scheme.ndb_seq_num 
_pdbx_nonpoly_scheme.pdb_seq_num 
_pdbx_nonpoly_scheme.auth_seq_num 
_pdbx_nonpoly_scheme.pdb_mon_id 
_pdbx_nonpoly_scheme.auth_mon_id 
_pdbx_nonpoly_scheme.pdb_strand_id 
_pdbx_nonpoly_scheme.pdb_ins_code 
B 2 XP5 1  301 2  XP5 PCL A . 
C 2 XP5 1  302 3  XP5 PCL A . 
D 3 ZN  1  303 1  ZN  ZN  A . 
E 3 ZN  1  304 2  ZN  ZN  A . 
F 4 WTS 1  305 1  WTS 99G A . 
G 5 HOH 1  401 26 HOH HOH A . 
G 5 HOH 2  402 23 HOH HOH A . 
G 5 HOH 3  403 21 HOH HOH A . 
G 5 HOH 4  404 34 HOH HOH A . 
G 5 HOH 5  405 30 HOH HOH A . 
G 5 HOH 6  406 45 HOH HOH A . 
G 5 HOH 7  407 15 HOH HOH A . 
G 5 HOH 8  408 28 HOH HOH A . 
G 5 HOH 9  409 16 HOH HOH A . 
G 5 HOH 10 410 32 HOH HOH A . 
G 5 HOH 11 411 14 HOH HOH A . 
G 5 HOH 12 412 7  HOH HOH A . 
G 5 HOH 13 413 13 HOH HOH A . 
G 5 HOH 14 414 4  HOH HOH A . 
G 5 HOH 15 415 27 HOH HOH A . 
G 5 HOH 16 416 19 HOH HOH A . 
G 5 HOH 17 417 41 HOH HOH A . 
G 5 HOH 18 418 8  HOH HOH A . 
G 5 HOH 19 419 10 HOH HOH A . 
G 5 HOH 20 420 47 HOH HOH A . 
G 5 HOH 21 421 46 HOH HOH A . 
G 5 HOH 22 422 2  HOH HOH A . 
G 5 HOH 23 423 38 HOH HOH A . 
G 5 HOH 24 424 29 HOH HOH A . 
G 5 HOH 25 425 18 HOH HOH A . 
G 5 HOH 26 426 12 HOH HOH A . 
G 5 HOH 27 427 25 HOH HOH A . 
G 5 HOH 28 428 3  HOH HOH A . 
G 5 HOH 29 429 11 HOH HOH A . 
G 5 HOH 30 430 22 HOH HOH A . 
G 5 HOH 31 431 24 HOH HOH A . 
G 5 HOH 32 432 9  HOH HOH A . 
G 5 HOH 33 433 36 HOH HOH A . 
G 5 HOH 34 434 35 HOH HOH A . 
G 5 HOH 35 435 48 HOH HOH A . 
G 5 HOH 36 436 37 HOH HOH A . 
G 5 HOH 37 437 40 HOH HOH A . 
G 5 HOH 38 438 43 HOH HOH A . 
G 5 HOH 39 439 31 HOH HOH A . 
G 5 HOH 40 440 33 HOH HOH A . 
G 5 HOH 41 441 39 HOH HOH A . 
G 5 HOH 42 442 42 HOH HOH A . 
# 
_pdbx_struct_assembly.id                   1 
_pdbx_struct_assembly.details              author_defined_assembly 
_pdbx_struct_assembly.method_details       ? 
_pdbx_struct_assembly.oligomeric_details   monomeric 
_pdbx_struct_assembly.oligomeric_count     1 
# 
_pdbx_struct_assembly_gen.assembly_id       1 
_pdbx_struct_assembly_gen.oper_expression   1 
_pdbx_struct_assembly_gen.asym_id_list      A,B,C,D,E,F,G 
# 
loop_
_pdbx_struct_assembly_prop.biol_id 
_pdbx_struct_assembly_prop.type 
_pdbx_struct_assembly_prop.value 
_pdbx_struct_assembly_prop.details 
1 'ABSA (A^2)' 0    ? 
1 MORE         0    ? 
1 'SSA (A^2)'  4500 ? 
# 
_pdbx_struct_oper_list.id                   1 
_pdbx_struct_oper_list.type                 'identity operation' 
_pdbx_struct_oper_list.name                 1_555 
_pdbx_struct_oper_list.symmetry_operation   x,y,z 
_pdbx_struct_oper_list.matrix[1][1]         1.0000000000 
_pdbx_struct_oper_list.matrix[1][2]         0.0000000000 
_pdbx_struct_oper_list.matrix[1][3]         0.0000000000 
_pdbx_struct_oper_list.vector[1]            0.0000000000 
_pdbx_struct_oper_list.matrix[2][1]         0.0000000000 
_pdbx_struct_oper_list.matrix[2][2]         1.0000000000 
_pdbx_struct_oper_list.matrix[2][3]         0.0000000000 
_pdbx_struct_oper_list.vector[2]            0.0000000000 
_pdbx_struct_oper_list.matrix[3][1]         0.0000000000 
_pdbx_struct_oper_list.matrix[3][2]         0.0000000000 
_pdbx_struct_oper_list.matrix[3][3]         1.0000000000 
_pdbx_struct_oper_list.vector[3]            0.0000000000 
# 
_pdbx_struct_special_symmetry.id              1 
_pdbx_struct_special_symmetry.PDB_model_num   1 
_pdbx_struct_special_symmetry.auth_asym_id    A 
_pdbx_struct_special_symmetry.auth_comp_id    HOH 
_pdbx_struct_special_symmetry.auth_seq_id     410 
_pdbx_struct_special_symmetry.PDB_ins_code    ? 
_pdbx_struct_special_symmetry.label_asym_id   G 
_pdbx_struct_special_symmetry.label_comp_id   HOH 
_pdbx_struct_special_symmetry.label_seq_id    . 
# 
loop_
_pdbx_struct_conn_angle.id 
_pdbx_struct_conn_angle.ptnr1_label_atom_id 
_pdbx_struct_conn_angle.ptnr1_label_alt_id 
_pdbx_struct_conn_angle.ptnr1_label_asym_id 
_pdbx_struct_conn_angle.ptnr1_label_comp_id 
_pdbx_struct_conn_angle.ptnr1_label_seq_id 
_pdbx_struct_conn_angle.ptnr1_auth_atom_id 
_pdbx_struct_conn_angle.ptnr1_auth_asym_id 
_pdbx_struct_conn_angle.ptnr1_auth_comp_id 
_pdbx_struct_conn_angle.ptnr1_auth_seq_id 
_pdbx_struct_conn_angle.ptnr1_PDB_ins_code 
_pdbx_struct_conn_angle.ptnr1_symmetry 
_pdbx_struct_conn_angle.ptnr2_label_atom_id 
_pdbx_struct_conn_angle.ptnr2_label_alt_id 
_pdbx_struct_conn_angle.ptnr2_label_asym_id 
_pdbx_struct_conn_angle.ptnr2_label_comp_id 
_pdbx_struct_conn_angle.ptnr2_label_seq_id 
_pdbx_struct_conn_angle.ptnr2_auth_atom_id 
_pdbx_struct_conn_angle.ptnr2_auth_asym_id 
_pdbx_struct_conn_angle.ptnr2_auth_comp_id 
_pdbx_struct_conn_angle.ptnr2_auth_seq_id 
_pdbx_struct_conn_angle.ptnr2_PDB_ins_code 
_pdbx_struct_conn_angle.ptnr2_symmetry 
_pdbx_struct_conn_angle.ptnr3_label_atom_id 
_pdbx_struct_conn_angle.ptnr3_label_alt_id 
_pdbx_struct_conn_angle.ptnr3_label_asym_id 
_pdbx_struct_conn_angle.ptnr3_label_comp_id 
_pdbx_struct_conn_angle.ptnr3_label_seq_id 
_pdbx_struct_conn_angle.ptnr3_auth_atom_id 
_pdbx_struct_conn_angle.ptnr3_auth_asym_id 
_pdbx_struct_conn_angle.ptnr3_auth_comp_id 
_pdbx_struct_conn_angle.ptnr3_auth_seq_id 
_pdbx_struct_conn_angle.ptnr3_PDB_ins_code 
_pdbx_struct_conn_angle.ptnr3_symmetry 
_pdbx_struct_conn_angle.value 
_pdbx_struct_conn_angle.value_esd 
1  ND1 ? A HIS 3  ? A HIS 231 ? 1_555 ZN ? D ZN . ? A ZN 303 ? 1_555 SG  ? A CYS 33 ? A CYS 261 ? 1_555 113.1 ? 
2  ND1 ? A HIS 3  ? A HIS 231 ? 1_555 ZN ? D ZN . ? A ZN 303 ? 1_555 SG  ? A CYS 36 ? A CYS 264 ? 1_555 105.0 ? 
3  SG  ? A CYS 33 ? A CYS 261 ? 1_555 ZN ? D ZN . ? A ZN 303 ? 1_555 SG  ? A CYS 36 ? A CYS 264 ? 1_555 108.9 ? 
4  ND1 ? A HIS 3  ? A HIS 231 ? 1_555 ZN ? D ZN . ? A ZN 303 ? 1_555 SG  ? A CYS 52 ? A CYS 280 ? 1_555 109.5 ? 
5  SG  ? A CYS 33 ? A CYS 261 ? 1_555 ZN ? D ZN . ? A ZN 303 ? 1_555 SG  ? A CYS 52 ? A CYS 280 ? 1_555 105.3 ? 
6  SG  ? A CYS 36 ? A CYS 264 ? 1_555 ZN ? D ZN . ? A ZN 303 ? 1_555 SG  ? A CYS 52 ? A CYS 280 ? 1_555 115.2 ? 
7  SG  ? A CYS 16 ? A CYS 244 ? 1_555 ZN ? E ZN . ? A ZN 304 ? 1_555 SG  ? A CYS 19 ? A CYS 247 ? 1_555 109.0 ? 
8  SG  ? A CYS 16 ? A CYS 244 ? 1_555 ZN ? E ZN . ? A ZN 304 ? 1_555 ND1 ? A HIS 41 ? A HIS 269 ? 1_555 104.4 ? 
9  SG  ? A CYS 19 ? A CYS 247 ? 1_555 ZN ? E ZN . ? A ZN 304 ? 1_555 ND1 ? A HIS 41 ? A HIS 269 ? 1_555 98.5  ? 
10 SG  ? A CYS 16 ? A CYS 244 ? 1_555 ZN ? E ZN . ? A ZN 304 ? 1_555 SG  ? A CYS 44 ? A CYS 272 ? 1_555 114.2 ? 
11 SG  ? A CYS 19 ? A CYS 247 ? 1_555 ZN ? E ZN . ? A ZN 304 ? 1_555 SG  ? A CYS 44 ? A CYS 272 ? 1_555 111.3 ? 
12 ND1 ? A HIS 41 ? A HIS 269 ? 1_555 ZN ? E ZN . ? A ZN 304 ? 1_555 SG  ? A CYS 44 ? A CYS 272 ? 1_555 118.1 ? 
# 
loop_
_pdbx_audit_revision_history.ordinal 
_pdbx_audit_revision_history.data_content_type 
_pdbx_audit_revision_history.major_revision 
_pdbx_audit_revision_history.minor_revision 
_pdbx_audit_revision_history.revision_date 
1 'Structure model' 1 0 2022-05-04 
2 'Structure model' 1 1 2022-07-13 
3 'Structure model' 1 2 2023-10-18 
# 
_pdbx_audit_revision_details.ordinal             1 
_pdbx_audit_revision_details.revision_ordinal    1 
_pdbx_audit_revision_details.data_content_type   'Structure model' 
_pdbx_audit_revision_details.provider            repository 
_pdbx_audit_revision_details.type                'Initial release' 
_pdbx_audit_revision_details.description         ? 
_pdbx_audit_revision_details.details             ? 
# 
loop_
_pdbx_audit_revision_group.ordinal 
_pdbx_audit_revision_group.revision_ordinal 
_pdbx_audit_revision_group.data_content_type 
_pdbx_audit_revision_group.group 
1 2 'Structure model' 'Database references'    
2 3 'Structure model' 'Data collection'        
3 3 'Structure model' 'Refinement description' 
# 
loop_
_pdbx_audit_revision_category.ordinal 
_pdbx_audit_revision_category.revision_ordinal 
_pdbx_audit_revision_category.data_content_type 
_pdbx_audit_revision_category.category 
1 2 'Structure model' citation                      
2 2 'Structure model' citation_author               
3 3 'Structure model' chem_comp_atom                
4 3 'Structure model' chem_comp_bond                
5 3 'Structure model' pdbx_initial_refinement_model 
# 
loop_
_pdbx_audit_revision_item.ordinal 
_pdbx_audit_revision_item.revision_ordinal 
_pdbx_audit_revision_item.data_content_type 
_pdbx_audit_revision_item.item 
1  2 'Structure model' '_citation.country'                 
2  2 'Structure model' '_citation.journal_abbrev'          
3  2 'Structure model' '_citation.journal_id_CSD'          
4  2 'Structure model' '_citation.journal_id_ISSN'         
5  2 'Structure model' '_citation.journal_volume'          
6  2 'Structure model' '_citation.page_first'              
7  2 'Structure model' '_citation.page_last'               
8  2 'Structure model' '_citation.pdbx_database_id_DOI'    
9  2 'Structure model' '_citation.pdbx_database_id_PubMed' 
10 2 'Structure model' '_citation.title'                   
11 2 'Structure model' '_citation.year'                    
# 
loop_
_software.citation_id 
_software.classification 
_software.compiler_name 
_software.compiler_version 
_software.contact_author 
_software.contact_author_email 
_software.date 
_software.description 
_software.dependencies 
_software.hardware 
_software.language 
_software.location 
_software.mods 
_software.name 
_software.os 
_software.os_version 
_software.type 
_software.version 
_software.pdbx_ordinal 
? refinement        ? ? ? ? ? ? ? ? ? ? ? PHENIX      ? ? ? 1.18.2_3874 1 
? 'data reduction'  ? ? ? ? ? ? ? ? ? ? ? SAINT       ? ? ? .           2 
? 'data scaling'    ? ? ? ? ? ? ? ? ? ? ? xia2        ? ? ? .           3 
? 'data extraction' ? ? ? ? ? ? ? ? ? ? ? PDB_EXTRACT ? ? ? 3.27        4 
? phasing           ? ? ? ? ? ? ? ? ? ? ? MOLREP      ? ? ? .           5 
# 
_pdbx_entry_details.entry_id                 7KNJ 
_pdbx_entry_details.nonpolymer_details       ? 
_pdbx_entry_details.sequence_details         ? 
_pdbx_entry_details.compound_details         ? 
_pdbx_entry_details.source_details           ? 
_pdbx_entry_details.has_ligand_of_interest   Y 
# 
loop_
_pdbx_unobs_or_zero_occ_atoms.id 
_pdbx_unobs_or_zero_occ_atoms.PDB_model_num 
_pdbx_unobs_or_zero_occ_atoms.polymer_flag 
_pdbx_unobs_or_zero_occ_atoms.occupancy_flag 
_pdbx_unobs_or_zero_occ_atoms.auth_asym_id 
_pdbx_unobs_or_zero_occ_atoms.auth_comp_id 
_pdbx_unobs_or_zero_occ_atoms.auth_seq_id 
_pdbx_unobs_or_zero_occ_atoms.PDB_ins_code 
_pdbx_unobs_or_zero_occ_atoms.auth_atom_id 
_pdbx_unobs_or_zero_occ_atoms.label_alt_id 
_pdbx_unobs_or_zero_occ_atoms.label_asym_id 
_pdbx_unobs_or_zero_occ_atoms.label_comp_id 
_pdbx_unobs_or_zero_occ_atoms.label_seq_id 
_pdbx_unobs_or_zero_occ_atoms.label_atom_id 
1 1 N 1 A XP5 301 ? C19 ? B XP5 1 C19 
2 1 N 1 A XP5 301 ? C20 ? B XP5 1 C20 
3 1 N 1 A XP5 301 ? C21 ? B XP5 1 C21 
4 1 N 1 A XP5 301 ? C22 ? B XP5 1 C22 
5 1 N 1 A XP5 301 ? C23 ? B XP5 1 C23 
# 
_pdbx_unobs_or_zero_occ_residues.id               1 
_pdbx_unobs_or_zero_occ_residues.PDB_model_num    1 
_pdbx_unobs_or_zero_occ_residues.polymer_flag     Y 
_pdbx_unobs_or_zero_occ_residues.occupancy_flag   1 
_pdbx_unobs_or_zero_occ_residues.auth_asym_id     A 
_pdbx_unobs_or_zero_occ_residues.auth_comp_id     GLY 
_pdbx_unobs_or_zero_occ_residues.auth_seq_id      281 
_pdbx_unobs_or_zero_occ_residues.PDB_ins_code     ? 
_pdbx_unobs_or_zero_occ_residues.label_asym_id    A 
_pdbx_unobs_or_zero_occ_residues.label_comp_id    GLY 
_pdbx_unobs_or_zero_occ_residues.label_seq_id     53 
# 
loop_
_chem_comp_atom.comp_id 
_chem_comp_atom.atom_id 
_chem_comp_atom.type_symbol 
_chem_comp_atom.pdbx_aromatic_flag 
_chem_comp_atom.pdbx_stereo_config 
_chem_comp_atom.pdbx_ordinal 
ALA N    N  N N 1   
ALA CA   C  N S 2   
ALA C    C  N N 3   
ALA O    O  N N 4   
ALA CB   C  N N 5   
ALA OXT  O  N N 6   
ALA H    H  N N 7   
ALA H2   H  N N 8   
ALA HA   H  N N 9   
ALA HB1  H  N N 10  
ALA HB2  H  N N 11  
ALA HB3  H  N N 12  
ALA HXT  H  N N 13  
ARG N    N  N N 14  
ARG CA   C  N S 15  
ARG C    C  N N 16  
ARG O    O  N N 17  
ARG CB   C  N N 18  
ARG CG   C  N N 19  
ARG CD   C  N N 20  
ARG NE   N  N N 21  
ARG CZ   C  N N 22  
ARG NH1  N  N N 23  
ARG NH2  N  N N 24  
ARG OXT  O  N N 25  
ARG H    H  N N 26  
ARG H2   H  N N 27  
ARG HA   H  N N 28  
ARG HB2  H  N N 29  
ARG HB3  H  N N 30  
ARG HG2  H  N N 31  
ARG HG3  H  N N 32  
ARG HD2  H  N N 33  
ARG HD3  H  N N 34  
ARG HE   H  N N 35  
ARG HH11 H  N N 36  
ARG HH12 H  N N 37  
ARG HH21 H  N N 38  
ARG HH22 H  N N 39  
ARG HXT  H  N N 40  
ASN N    N  N N 41  
ASN CA   C  N S 42  
ASN C    C  N N 43  
ASN O    O  N N 44  
ASN CB   C  N N 45  
ASN CG   C  N N 46  
ASN OD1  O  N N 47  
ASN ND2  N  N N 48  
ASN OXT  O  N N 49  
ASN H    H  N N 50  
ASN H2   H  N N 51  
ASN HA   H  N N 52  
ASN HB2  H  N N 53  
ASN HB3  H  N N 54  
ASN HD21 H  N N 55  
ASN HD22 H  N N 56  
ASN HXT  H  N N 57  
ASP N    N  N N 58  
ASP CA   C  N S 59  
ASP C    C  N N 60  
ASP O    O  N N 61  
ASP CB   C  N N 62  
ASP CG   C  N N 63  
ASP OD1  O  N N 64  
ASP OD2  O  N N 65  
ASP OXT  O  N N 66  
ASP H    H  N N 67  
ASP H2   H  N N 68  
ASP HA   H  N N 69  
ASP HB2  H  N N 70  
ASP HB3  H  N N 71  
ASP HD2  H  N N 72  
ASP HXT  H  N N 73  
CYS N    N  N N 74  
CYS CA   C  N R 75  
CYS C    C  N N 76  
CYS O    O  N N 77  
CYS CB   C  N N 78  
CYS SG   S  N N 79  
CYS OXT  O  N N 80  
CYS H    H  N N 81  
CYS H2   H  N N 82  
CYS HA   H  N N 83  
CYS HB2  H  N N 84  
CYS HB3  H  N N 85  
CYS HG   H  N N 86  
CYS HXT  H  N N 87  
GLN N    N  N N 88  
GLN CA   C  N S 89  
GLN C    C  N N 90  
GLN O    O  N N 91  
GLN CB   C  N N 92  
GLN CG   C  N N 93  
GLN CD   C  N N 94  
GLN OE1  O  N N 95  
GLN NE2  N  N N 96  
GLN OXT  O  N N 97  
GLN H    H  N N 98  
GLN H2   H  N N 99  
GLN HA   H  N N 100 
GLN HB2  H  N N 101 
GLN HB3  H  N N 102 
GLN HG2  H  N N 103 
GLN HG3  H  N N 104 
GLN HE21 H  N N 105 
GLN HE22 H  N N 106 
GLN HXT  H  N N 107 
GLU N    N  N N 108 
GLU CA   C  N S 109 
GLU C    C  N N 110 
GLU O    O  N N 111 
GLU CB   C  N N 112 
GLU CG   C  N N 113 
GLU CD   C  N N 114 
GLU OE1  O  N N 115 
GLU OE2  O  N N 116 
GLU OXT  O  N N 117 
GLU H    H  N N 118 
GLU H2   H  N N 119 
GLU HA   H  N N 120 
GLU HB2  H  N N 121 
GLU HB3  H  N N 122 
GLU HG2  H  N N 123 
GLU HG3  H  N N 124 
GLU HE2  H  N N 125 
GLU HXT  H  N N 126 
GLY N    N  N N 127 
GLY CA   C  N N 128 
GLY C    C  N N 129 
GLY O    O  N N 130 
GLY OXT  O  N N 131 
GLY H    H  N N 132 
GLY H2   H  N N 133 
GLY HA2  H  N N 134 
GLY HA3  H  N N 135 
GLY HXT  H  N N 136 
HIS N    N  N N 137 
HIS CA   C  N S 138 
HIS C    C  N N 139 
HIS O    O  N N 140 
HIS CB   C  N N 141 
HIS CG   C  Y N 142 
HIS ND1  N  Y N 143 
HIS CD2  C  Y N 144 
HIS CE1  C  Y N 145 
HIS NE2  N  Y N 146 
HIS OXT  O  N N 147 
HIS H    H  N N 148 
HIS H2   H  N N 149 
HIS HA   H  N N 150 
HIS HB2  H  N N 151 
HIS HB3  H  N N 152 
HIS HD1  H  N N 153 
HIS HD2  H  N N 154 
HIS HE1  H  N N 155 
HIS HE2  H  N N 156 
HIS HXT  H  N N 157 
HOH O    O  N N 158 
HOH H1   H  N N 159 
HOH H2   H  N N 160 
LEU N    N  N N 161 
LEU CA   C  N S 162 
LEU C    C  N N 163 
LEU O    O  N N 164 
LEU CB   C  N N 165 
LEU CG   C  N N 166 
LEU CD1  C  N N 167 
LEU CD2  C  N N 168 
LEU OXT  O  N N 169 
LEU H    H  N N 170 
LEU H2   H  N N 171 
LEU HA   H  N N 172 
LEU HB2  H  N N 173 
LEU HB3  H  N N 174 
LEU HG   H  N N 175 
LEU HD11 H  N N 176 
LEU HD12 H  N N 177 
LEU HD13 H  N N 178 
LEU HD21 H  N N 179 
LEU HD22 H  N N 180 
LEU HD23 H  N N 181 
LEU HXT  H  N N 182 
LYS N    N  N N 183 
LYS CA   C  N S 184 
LYS C    C  N N 185 
LYS O    O  N N 186 
LYS CB   C  N N 187 
LYS CG   C  N N 188 
LYS CD   C  N N 189 
LYS CE   C  N N 190 
LYS NZ   N  N N 191 
LYS OXT  O  N N 192 
LYS H    H  N N 193 
LYS H2   H  N N 194 
LYS HA   H  N N 195 
LYS HB2  H  N N 196 
LYS HB3  H  N N 197 
LYS HG2  H  N N 198 
LYS HG3  H  N N 199 
LYS HD2  H  N N 200 
LYS HD3  H  N N 201 
LYS HE2  H  N N 202 
LYS HE3  H  N N 203 
LYS HZ1  H  N N 204 
LYS HZ2  H  N N 205 
LYS HZ3  H  N N 206 
LYS HXT  H  N N 207 
MET N    N  N N 208 
MET CA   C  N S 209 
MET C    C  N N 210 
MET O    O  N N 211 
MET CB   C  N N 212 
MET CG   C  N N 213 
MET SD   S  N N 214 
MET CE   C  N N 215 
MET OXT  O  N N 216 
MET H    H  N N 217 
MET H2   H  N N 218 
MET HA   H  N N 219 
MET HB2  H  N N 220 
MET HB3  H  N N 221 
MET HG2  H  N N 222 
MET HG3  H  N N 223 
MET HE1  H  N N 224 
MET HE2  H  N N 225 
MET HE3  H  N N 226 
MET HXT  H  N N 227 
PHE N    N  N N 228 
PHE CA   C  N S 229 
PHE C    C  N N 230 
PHE O    O  N N 231 
PHE CB   C  N N 232 
PHE CG   C  Y N 233 
PHE CD1  C  Y N 234 
PHE CD2  C  Y N 235 
PHE CE1  C  Y N 236 
PHE CE2  C  Y N 237 
PHE CZ   C  Y N 238 
PHE OXT  O  N N 239 
PHE H    H  N N 240 
PHE H2   H  N N 241 
PHE HA   H  N N 242 
PHE HB2  H  N N 243 
PHE HB3  H  N N 244 
PHE HD1  H  N N 245 
PHE HD2  H  N N 246 
PHE HE1  H  N N 247 
PHE HE2  H  N N 248 
PHE HZ   H  N N 249 
PHE HXT  H  N N 250 
PRO N    N  N N 251 
PRO CA   C  N S 252 
PRO C    C  N N 253 
PRO O    O  N N 254 
PRO CB   C  N N 255 
PRO CG   C  N N 256 
PRO CD   C  N N 257 
PRO OXT  O  N N 258 
PRO H    H  N N 259 
PRO HA   H  N N 260 
PRO HB2  H  N N 261 
PRO HB3  H  N N 262 
PRO HG2  H  N N 263 
PRO HG3  H  N N 264 
PRO HD2  H  N N 265 
PRO HD3  H  N N 266 
PRO HXT  H  N N 267 
SER N    N  N N 268 
SER CA   C  N S 269 
SER C    C  N N 270 
SER O    O  N N 271 
SER CB   C  N N 272 
SER OG   O  N N 273 
SER OXT  O  N N 274 
SER H    H  N N 275 
SER H2   H  N N 276 
SER HA   H  N N 277 
SER HB2  H  N N 278 
SER HB3  H  N N 279 
SER HG   H  N N 280 
SER HXT  H  N N 281 
THR N    N  N N 282 
THR CA   C  N S 283 
THR C    C  N N 284 
THR O    O  N N 285 
THR CB   C  N R 286 
THR OG1  O  N N 287 
THR CG2  C  N N 288 
THR OXT  O  N N 289 
THR H    H  N N 290 
THR H2   H  N N 291 
THR HA   H  N N 292 
THR HB   H  N N 293 
THR HG1  H  N N 294 
THR HG21 H  N N 295 
THR HG22 H  N N 296 
THR HG23 H  N N 297 
THR HXT  H  N N 298 
TRP N    N  N N 299 
TRP CA   C  N S 300 
TRP C    C  N N 301 
TRP O    O  N N 302 
TRP CB   C  N N 303 
TRP CG   C  Y N 304 
TRP CD1  C  Y N 305 
TRP CD2  C  Y N 306 
TRP NE1  N  Y N 307 
TRP CE2  C  Y N 308 
TRP CE3  C  Y N 309 
TRP CZ2  C  Y N 310 
TRP CZ3  C  Y N 311 
TRP CH2  C  Y N 312 
TRP OXT  O  N N 313 
TRP H    H  N N 314 
TRP H2   H  N N 315 
TRP HA   H  N N 316 
TRP HB2  H  N N 317 
TRP HB3  H  N N 318 
TRP HD1  H  N N 319 
TRP HE1  H  N N 320 
TRP HE3  H  N N 321 
TRP HZ2  H  N N 322 
TRP HZ3  H  N N 323 
TRP HH2  H  N N 324 
TRP HXT  H  N N 325 
TYR N    N  N N 326 
TYR CA   C  N S 327 
TYR C    C  N N 328 
TYR O    O  N N 329 
TYR CB   C  N N 330 
TYR CG   C  Y N 331 
TYR CD1  C  Y N 332 
TYR CD2  C  Y N 333 
TYR CE1  C  Y N 334 
TYR CE2  C  Y N 335 
TYR CZ   C  Y N 336 
TYR OH   O  N N 337 
TYR OXT  O  N N 338 
TYR H    H  N N 339 
TYR H2   H  N N 340 
TYR HA   H  N N 341 
TYR HB2  H  N N 342 
TYR HB3  H  N N 343 
TYR HD1  H  N N 344 
TYR HD2  H  N N 345 
TYR HE1  H  N N 346 
TYR HE2  H  N N 347 
TYR HH   H  N N 348 
TYR HXT  H  N N 349 
VAL N    N  N N 350 
VAL CA   C  N S 351 
VAL C    C  N N 352 
VAL O    O  N N 353 
VAL CB   C  N N 354 
VAL CG1  C  N N 355 
VAL CG2  C  N N 356 
VAL OXT  O  N N 357 
VAL H    H  N N 358 
VAL H2   H  N N 359 
VAL HA   H  N N 360 
VAL HB   H  N N 361 
VAL HG11 H  N N 362 
VAL HG12 H  N N 363 
VAL HG13 H  N N 364 
VAL HG21 H  N N 365 
VAL HG22 H  N N 366 
VAL HG23 H  N N 367 
VAL HXT  H  N N 368 
WTS C16  C  N N 369 
WTS C15  C  N N 370 
WTS C14  C  N N 371 
WTS C11  C  N N 372 
WTS C10  C  N N 373 
WTS C9   C  N R 374 
WTS C12  C  N N 375 
WTS C13  C  N N 376 
WTS C8   C  N S 377 
WTS O1   O  N N 378 
WTS C2   C  N R 379 
WTS C7   C  N S 380 
WTS C6   C  N S 381 
WTS C5   C  N R 382 
WTS C4   C  N S 383 
WTS C3   C  N R 384 
WTS C1   C  N N 385 
WTS C17  C  N N 386 
WTS C18  C  N N 387 
WTS C19  C  N N 388 
WTS C20  C  N N 389 
WTS C21  C  N N 390 
WTS C22  C  N N 391 
WTS C23  C  N N 392 
WTS C24  C  N N 393 
WTS C25  C  N N 394 
WTS C26  C  N N 395 
WTS C27  C  N N 396 
WTS C28  C  N N 397 
WTS O2   O  N N 398 
WTS O3   O  N N 399 
WTS O4   O  N N 400 
WTS O5   O  N N 401 
WTS O6   O  N N 402 
WTS O7   O  N N 403 
WTS O8   O  N N 404 
WTS H1   H  N N 405 
WTS H2   H  N N 406 
WTS H3   H  N N 407 
WTS H4   H  N N 408 
WTS H7   H  N N 409 
WTS H8   H  N N 410 
WTS H9   H  N N 411 
WTS H10  H  N N 412 
WTS H11  H  N N 413 
WTS H12  H  N N 414 
WTS H13  H  N N 415 
WTS H14  H  N N 416 
WTS H15  H  N N 417 
WTS H16  H  N N 418 
WTS H17  H  N N 419 
WTS H18  H  N N 420 
WTS H19  H  N N 421 
WTS H20  H  N N 422 
WTS H21  H  N N 423 
WTS H22  H  N N 424 
WTS H23  H  N N 425 
WTS H24  H  N N 426 
WTS H25  H  N N 427 
WTS H26  H  N N 428 
WTS H27  H  N N 429 
WTS H28  H  N N 430 
WTS H29  H  N N 431 
WTS H30  H  N N 432 
WTS H31  H  N N 433 
WTS H32  H  N N 434 
WTS H33  H  N N 435 
WTS H34  H  N N 436 
WTS H35  H  N N 437 
WTS H36  H  N N 438 
WTS H37  H  N N 439 
WTS H38  H  N N 440 
WTS H39  H  N N 441 
WTS H40  H  N N 442 
WTS H41  H  N N 443 
WTS H42  H  N N 444 
XP5 O1   O  N N 445 
XP5 O2   O  N N 446 
XP5 P1   P  N S 447 
XP5 O3   O  N N 448 
XP5 C1   C  N N 449 
XP5 C2   C  N N 450 
XP5 N1   N  N N 451 
XP5 C3   C  N N 452 
XP5 C4   C  N N 453 
XP5 C5   C  N N 454 
XP5 O4   O  N N 455 
XP5 C6   C  N N 456 
XP5 C8   C  N N 457 
XP5 O5   O  N N 458 
XP5 C9   C  N N 459 
XP5 O6   O  N N 460 
XP5 C10  C  N N 461 
XP5 C11  C  N N 462 
XP5 C12  C  N N 463 
XP5 C13  C  N N 464 
XP5 C14  C  N N 465 
XP5 C15  C  N N 466 
XP5 O7   O  N N 467 
XP5 C17  C  N N 468 
XP5 O8   O  N N 469 
XP5 C18  C  N N 470 
XP5 C19  C  N N 471 
XP5 C20  C  N N 472 
XP5 C21  C  N N 473 
XP5 C22  C  N N 474 
XP5 C23  C  N N 475 
XP5 CAM  C  N R 476 
XP5 H2   H  N N 477 
XP5 H11C H  N N 478 
XP5 H12C H  N N 479 
XP5 H21C H  N N 480 
XP5 H22C H  N N 481 
XP5 H31C H  N N 482 
XP5 H32C H  N N 483 
XP5 H33C H  N N 484 
XP5 H41C H  N N 485 
XP5 H42C H  N N 486 
XP5 H43C H  N N 487 
XP5 H51C H  N N 488 
XP5 H52C H  N N 489 
XP5 H53C H  N N 490 
XP5 H61C H  N N 491 
XP5 H62C H  N N 492 
XP5 HAM  H  N N 493 
XP5 H81C H  N N 494 
XP5 H82C H  N N 495 
XP5 H101 H  N N 496 
XP5 H102 H  N N 497 
XP5 H111 H  N N 498 
XP5 H112 H  N N 499 
XP5 H121 H  N N 500 
XP5 H122 H  N N 501 
XP5 H131 H  N N 502 
XP5 H132 H  N N 503 
XP5 H141 H  N N 504 
XP5 H142 H  N N 505 
XP5 H151 H  N N 506 
XP5 H152 H  N N 507 
XP5 H153 H  N N 508 
XP5 H181 H  N N 509 
XP5 H182 H  N N 510 
XP5 H191 H  N N 511 
XP5 H192 H  N N 512 
XP5 H201 H  N N 513 
XP5 H202 H  N N 514 
XP5 H211 H  N N 515 
XP5 H212 H  N N 516 
XP5 H221 H  N N 517 
XP5 H222 H  N N 518 
XP5 H231 H  N N 519 
XP5 H232 H  N N 520 
XP5 H233 H  N N 521 
ZN  ZN   ZN N N 522 
# 
loop_
_chem_comp_bond.comp_id 
_chem_comp_bond.atom_id_1 
_chem_comp_bond.atom_id_2 
_chem_comp_bond.value_order 
_chem_comp_bond.pdbx_aromatic_flag 
_chem_comp_bond.pdbx_stereo_config 
_chem_comp_bond.pdbx_ordinal 
ALA N   CA   sing N N 1   
ALA N   H    sing N N 2   
ALA N   H2   sing N N 3   
ALA CA  C    sing N N 4   
ALA CA  CB   sing N N 5   
ALA CA  HA   sing N N 6   
ALA C   O    doub N N 7   
ALA C   OXT  sing N N 8   
ALA CB  HB1  sing N N 9   
ALA CB  HB2  sing N N 10  
ALA CB  HB3  sing N N 11  
ALA OXT HXT  sing N N 12  
ARG N   CA   sing N N 13  
ARG N   H    sing N N 14  
ARG N   H2   sing N N 15  
ARG CA  C    sing N N 16  
ARG CA  CB   sing N N 17  
ARG CA  HA   sing N N 18  
ARG C   O    doub N N 19  
ARG C   OXT  sing N N 20  
ARG CB  CG   sing N N 21  
ARG CB  HB2  sing N N 22  
ARG CB  HB3  sing N N 23  
ARG CG  CD   sing N N 24  
ARG CG  HG2  sing N N 25  
ARG CG  HG3  sing N N 26  
ARG CD  NE   sing N N 27  
ARG CD  HD2  sing N N 28  
ARG CD  HD3  sing N N 29  
ARG NE  CZ   sing N N 30  
ARG NE  HE   sing N N 31  
ARG CZ  NH1  sing N N 32  
ARG CZ  NH2  doub N N 33  
ARG NH1 HH11 sing N N 34  
ARG NH1 HH12 sing N N 35  
ARG NH2 HH21 sing N N 36  
ARG NH2 HH22 sing N N 37  
ARG OXT HXT  sing N N 38  
ASN N   CA   sing N N 39  
ASN N   H    sing N N 40  
ASN N   H2   sing N N 41  
ASN CA  C    sing N N 42  
ASN CA  CB   sing N N 43  
ASN CA  HA   sing N N 44  
ASN C   O    doub N N 45  
ASN C   OXT  sing N N 46  
ASN CB  CG   sing N N 47  
ASN CB  HB2  sing N N 48  
ASN CB  HB3  sing N N 49  
ASN CG  OD1  doub N N 50  
ASN CG  ND2  sing N N 51  
ASN ND2 HD21 sing N N 52  
ASN ND2 HD22 sing N N 53  
ASN OXT HXT  sing N N 54  
ASP N   CA   sing N N 55  
ASP N   H    sing N N 56  
ASP N   H2   sing N N 57  
ASP CA  C    sing N N 58  
ASP CA  CB   sing N N 59  
ASP CA  HA   sing N N 60  
ASP C   O    doub N N 61  
ASP C   OXT  sing N N 62  
ASP CB  CG   sing N N 63  
ASP CB  HB2  sing N N 64  
ASP CB  HB3  sing N N 65  
ASP CG  OD1  doub N N 66  
ASP CG  OD2  sing N N 67  
ASP OD2 HD2  sing N N 68  
ASP OXT HXT  sing N N 69  
CYS N   CA   sing N N 70  
CYS N   H    sing N N 71  
CYS N   H2   sing N N 72  
CYS CA  C    sing N N 73  
CYS CA  CB   sing N N 74  
CYS CA  HA   sing N N 75  
CYS C   O    doub N N 76  
CYS C   OXT  sing N N 77  
CYS CB  SG   sing N N 78  
CYS CB  HB2  sing N N 79  
CYS CB  HB3  sing N N 80  
CYS SG  HG   sing N N 81  
CYS OXT HXT  sing N N 82  
GLN N   CA   sing N N 83  
GLN N   H    sing N N 84  
GLN N   H2   sing N N 85  
GLN CA  C    sing N N 86  
GLN CA  CB   sing N N 87  
GLN CA  HA   sing N N 88  
GLN C   O    doub N N 89  
GLN C   OXT  sing N N 90  
GLN CB  CG   sing N N 91  
GLN CB  HB2  sing N N 92  
GLN CB  HB3  sing N N 93  
GLN CG  CD   sing N N 94  
GLN CG  HG2  sing N N 95  
GLN CG  HG3  sing N N 96  
GLN CD  OE1  doub N N 97  
GLN CD  NE2  sing N N 98  
GLN NE2 HE21 sing N N 99  
GLN NE2 HE22 sing N N 100 
GLN OXT HXT  sing N N 101 
GLU N   CA   sing N N 102 
GLU N   H    sing N N 103 
GLU N   H2   sing N N 104 
GLU CA  C    sing N N 105 
GLU CA  CB   sing N N 106 
GLU CA  HA   sing N N 107 
GLU C   O    doub N N 108 
GLU C   OXT  sing N N 109 
GLU CB  CG   sing N N 110 
GLU CB  HB2  sing N N 111 
GLU CB  HB3  sing N N 112 
GLU CG  CD   sing N N 113 
GLU CG  HG2  sing N N 114 
GLU CG  HG3  sing N N 115 
GLU CD  OE1  doub N N 116 
GLU CD  OE2  sing N N 117 
GLU OE2 HE2  sing N N 118 
GLU OXT HXT  sing N N 119 
GLY N   CA   sing N N 120 
GLY N   H    sing N N 121 
GLY N   H2   sing N N 122 
GLY CA  C    sing N N 123 
GLY CA  HA2  sing N N 124 
GLY CA  HA3  sing N N 125 
GLY C   O    doub N N 126 
GLY C   OXT  sing N N 127 
GLY OXT HXT  sing N N 128 
HIS N   CA   sing N N 129 
HIS N   H    sing N N 130 
HIS N   H2   sing N N 131 
HIS CA  C    sing N N 132 
HIS CA  CB   sing N N 133 
HIS CA  HA   sing N N 134 
HIS C   O    doub N N 135 
HIS C   OXT  sing N N 136 
HIS CB  CG   sing N N 137 
HIS CB  HB2  sing N N 138 
HIS CB  HB3  sing N N 139 
HIS CG  ND1  sing Y N 140 
HIS CG  CD2  doub Y N 141 
HIS ND1 CE1  doub Y N 142 
HIS ND1 HD1  sing N N 143 
HIS CD2 NE2  sing Y N 144 
HIS CD2 HD2  sing N N 145 
HIS CE1 NE2  sing Y N 146 
HIS CE1 HE1  sing N N 147 
HIS NE2 HE2  sing N N 148 
HIS OXT HXT  sing N N 149 
HOH O   H1   sing N N 150 
HOH O   H2   sing N N 151 
LEU N   CA   sing N N 152 
LEU N   H    sing N N 153 
LEU N   H2   sing N N 154 
LEU CA  C    sing N N 155 
LEU CA  CB   sing N N 156 
LEU CA  HA   sing N N 157 
LEU C   O    doub N N 158 
LEU C   OXT  sing N N 159 
LEU CB  CG   sing N N 160 
LEU CB  HB2  sing N N 161 
LEU CB  HB3  sing N N 162 
LEU CG  CD1  sing N N 163 
LEU CG  CD2  sing N N 164 
LEU CG  HG   sing N N 165 
LEU CD1 HD11 sing N N 166 
LEU CD1 HD12 sing N N 167 
LEU CD1 HD13 sing N N 168 
LEU CD2 HD21 sing N N 169 
LEU CD2 HD22 sing N N 170 
LEU CD2 HD23 sing N N 171 
LEU OXT HXT  sing N N 172 
LYS N   CA   sing N N 173 
LYS N   H    sing N N 174 
LYS N   H2   sing N N 175 
LYS CA  C    sing N N 176 
LYS CA  CB   sing N N 177 
LYS CA  HA   sing N N 178 
LYS C   O    doub N N 179 
LYS C   OXT  sing N N 180 
LYS CB  CG   sing N N 181 
LYS CB  HB2  sing N N 182 
LYS CB  HB3  sing N N 183 
LYS CG  CD   sing N N 184 
LYS CG  HG2  sing N N 185 
LYS CG  HG3  sing N N 186 
LYS CD  CE   sing N N 187 
LYS CD  HD2  sing N N 188 
LYS CD  HD3  sing N N 189 
LYS CE  NZ   sing N N 190 
LYS CE  HE2  sing N N 191 
LYS CE  HE3  sing N N 192 
LYS NZ  HZ1  sing N N 193 
LYS NZ  HZ2  sing N N 194 
LYS NZ  HZ3  sing N N 195 
LYS OXT HXT  sing N N 196 
MET N   CA   sing N N 197 
MET N   H    sing N N 198 
MET N   H2   sing N N 199 
MET CA  C    sing N N 200 
MET CA  CB   sing N N 201 
MET CA  HA   sing N N 202 
MET C   O    doub N N 203 
MET C   OXT  sing N N 204 
MET CB  CG   sing N N 205 
MET CB  HB2  sing N N 206 
MET CB  HB3  sing N N 207 
MET CG  SD   sing N N 208 
MET CG  HG2  sing N N 209 
MET CG  HG3  sing N N 210 
MET SD  CE   sing N N 211 
MET CE  HE1  sing N N 212 
MET CE  HE2  sing N N 213 
MET CE  HE3  sing N N 214 
MET OXT HXT  sing N N 215 
PHE N   CA   sing N N 216 
PHE N   H    sing N N 217 
PHE N   H2   sing N N 218 
PHE CA  C    sing N N 219 
PHE CA  CB   sing N N 220 
PHE CA  HA   sing N N 221 
PHE C   O    doub N N 222 
PHE C   OXT  sing N N 223 
PHE CB  CG   sing N N 224 
PHE CB  HB2  sing N N 225 
PHE CB  HB3  sing N N 226 
PHE CG  CD1  doub Y N 227 
PHE CG  CD2  sing Y N 228 
PHE CD1 CE1  sing Y N 229 
PHE CD1 HD1  sing N N 230 
PHE CD2 CE2  doub Y N 231 
PHE CD2 HD2  sing N N 232 
PHE CE1 CZ   doub Y N 233 
PHE CE1 HE1  sing N N 234 
PHE CE2 CZ   sing Y N 235 
PHE CE2 HE2  sing N N 236 
PHE CZ  HZ   sing N N 237 
PHE OXT HXT  sing N N 238 
PRO N   CA   sing N N 239 
PRO N   CD   sing N N 240 
PRO N   H    sing N N 241 
PRO CA  C    sing N N 242 
PRO CA  CB   sing N N 243 
PRO CA  HA   sing N N 244 
PRO C   O    doub N N 245 
PRO C   OXT  sing N N 246 
PRO CB  CG   sing N N 247 
PRO CB  HB2  sing N N 248 
PRO CB  HB3  sing N N 249 
PRO CG  CD   sing N N 250 
PRO CG  HG2  sing N N 251 
PRO CG  HG3  sing N N 252 
PRO CD  HD2  sing N N 253 
PRO CD  HD3  sing N N 254 
PRO OXT HXT  sing N N 255 
SER N   CA   sing N N 256 
SER N   H    sing N N 257 
SER N   H2   sing N N 258 
SER CA  C    sing N N 259 
SER CA  CB   sing N N 260 
SER CA  HA   sing N N 261 
SER C   O    doub N N 262 
SER C   OXT  sing N N 263 
SER CB  OG   sing N N 264 
SER CB  HB2  sing N N 265 
SER CB  HB3  sing N N 266 
SER OG  HG   sing N N 267 
SER OXT HXT  sing N N 268 
THR N   CA   sing N N 269 
THR N   H    sing N N 270 
THR N   H2   sing N N 271 
THR CA  C    sing N N 272 
THR CA  CB   sing N N 273 
THR CA  HA   sing N N 274 
THR C   O    doub N N 275 
THR C   OXT  sing N N 276 
THR CB  OG1  sing N N 277 
THR CB  CG2  sing N N 278 
THR CB  HB   sing N N 279 
THR OG1 HG1  sing N N 280 
THR CG2 HG21 sing N N 281 
THR CG2 HG22 sing N N 282 
THR CG2 HG23 sing N N 283 
THR OXT HXT  sing N N 284 
TRP N   CA   sing N N 285 
TRP N   H    sing N N 286 
TRP N   H2   sing N N 287 
TRP CA  C    sing N N 288 
TRP CA  CB   sing N N 289 
TRP CA  HA   sing N N 290 
TRP C   O    doub N N 291 
TRP C   OXT  sing N N 292 
TRP CB  CG   sing N N 293 
TRP CB  HB2  sing N N 294 
TRP CB  HB3  sing N N 295 
TRP CG  CD1  doub Y N 296 
TRP CG  CD2  sing Y N 297 
TRP CD1 NE1  sing Y N 298 
TRP CD1 HD1  sing N N 299 
TRP CD2 CE2  doub Y N 300 
TRP CD2 CE3  sing Y N 301 
TRP NE1 CE2  sing Y N 302 
TRP NE1 HE1  sing N N 303 
TRP CE2 CZ2  sing Y N 304 
TRP CE3 CZ3  doub Y N 305 
TRP CE3 HE3  sing N N 306 
TRP CZ2 CH2  doub Y N 307 
TRP CZ2 HZ2  sing N N 308 
TRP CZ3 CH2  sing Y N 309 
TRP CZ3 HZ3  sing N N 310 
TRP CH2 HH2  sing N N 311 
TRP OXT HXT  sing N N 312 
TYR N   CA   sing N N 313 
TYR N   H    sing N N 314 
TYR N   H2   sing N N 315 
TYR CA  C    sing N N 316 
TYR CA  CB   sing N N 317 
TYR CA  HA   sing N N 318 
TYR C   O    doub N N 319 
TYR C   OXT  sing N N 320 
TYR CB  CG   sing N N 321 
TYR CB  HB2  sing N N 322 
TYR CB  HB3  sing N N 323 
TYR CG  CD1  doub Y N 324 
TYR CG  CD2  sing Y N 325 
TYR CD1 CE1  sing Y N 326 
TYR CD1 HD1  sing N N 327 
TYR CD2 CE2  doub Y N 328 
TYR CD2 HD2  sing N N 329 
TYR CE1 CZ   doub Y N 330 
TYR CE1 HE1  sing N N 331 
TYR CE2 CZ   sing Y N 332 
TYR CE2 HE2  sing N N 333 
TYR CZ  OH   sing N N 334 
TYR OH  HH   sing N N 335 
TYR OXT HXT  sing N N 336 
VAL N   CA   sing N N 337 
VAL N   H    sing N N 338 
VAL N   H2   sing N N 339 
VAL CA  C    sing N N 340 
VAL CA  CB   sing N N 341 
VAL CA  HA   sing N N 342 
VAL C   O    doub N N 343 
VAL C   OXT  sing N N 344 
VAL CB  CG1  sing N N 345 
VAL CB  CG2  sing N N 346 
VAL CB  HB   sing N N 347 
VAL CG1 HG11 sing N N 348 
VAL CG1 HG12 sing N N 349 
VAL CG1 HG13 sing N N 350 
VAL CG2 HG21 sing N N 351 
VAL CG2 HG22 sing N N 352 
VAL CG2 HG23 sing N N 353 
VAL OXT HXT  sing N N 354 
WTS C26 C25  sing N N 355 
WTS C26 C27  sing N N 356 
WTS O8  C25  doub N N 357 
WTS C25 O7   sing N N 358 
WTS C27 C28  sing N N 359 
WTS C23 C24  sing N N 360 
WTS C23 C22  sing N N 361 
WTS C1  C2   sing N N 362 
WTS O7  C3   sing N N 363 
WTS C22 C21  sing N N 364 
WTS C3  C2   sing N N 365 
WTS C3  C4   sing N N 366 
WTS C21 O6   doub N N 367 
WTS C21 O5   sing N N 368 
WTS O5  C4   sing N N 369 
WTS C2  C7   sing N N 370 
WTS C16 C14  sing N N 371 
WTS C4  C18  sing N N 372 
WTS C4  C5   sing N N 373 
WTS O1  C7   sing N N 374 
WTS C15 C14  doub N N 375 
WTS C15 C8   sing N N 376 
WTS C14 C13  sing N N 377 
WTS C7  C8   sing N N 378 
WTS C7  C6   sing N N 379 
WTS C18 C19  sing N N 380 
WTS C18 C5   sing N N 381 
WTS C18 C20  sing N N 382 
WTS C8  C9   sing N N 383 
WTS C5  C6   sing N N 384 
WTS C13 C9   sing N N 385 
WTS C13 O3   doub N N 386 
WTS C6  C12  sing N N 387 
WTS O2  C9   sing N N 388 
WTS C9  C10  sing N N 389 
WTS C12 C11  doub N N 390 
WTS C10 C11  sing N N 391 
WTS C11 C17  sing N N 392 
WTS C17 O4   sing N N 393 
WTS C16 H1   sing N N 394 
WTS C16 H2   sing N N 395 
WTS C16 H3   sing N N 396 
WTS C15 H4   sing N N 397 
WTS C10 H7   sing N N 398 
WTS C10 H8   sing N N 399 
WTS C12 H9   sing N N 400 
WTS C8  H10  sing N N 401 
WTS O1  H11  sing N N 402 
WTS C2  H12  sing N N 403 
WTS C6  H13  sing N N 404 
WTS C5  H14  sing N N 405 
WTS C3  H15  sing N N 406 
WTS C1  H16  sing N N 407 
WTS C1  H17  sing N N 408 
WTS C1  H18  sing N N 409 
WTS C17 H19  sing N N 410 
WTS C17 H20  sing N N 411 
WTS C19 H21  sing N N 412 
WTS C19 H22  sing N N 413 
WTS C19 H23  sing N N 414 
WTS C20 H24  sing N N 415 
WTS C20 H25  sing N N 416 
WTS C20 H26  sing N N 417 
WTS C22 H27  sing N N 418 
WTS C22 H28  sing N N 419 
WTS C23 H29  sing N N 420 
WTS C23 H30  sing N N 421 
WTS C24 H31  sing N N 422 
WTS C24 H32  sing N N 423 
WTS C24 H33  sing N N 424 
WTS C26 H34  sing N N 425 
WTS C26 H35  sing N N 426 
WTS C27 H36  sing N N 427 
WTS C27 H37  sing N N 428 
WTS C28 H38  sing N N 429 
WTS C28 H39  sing N N 430 
WTS C28 H40  sing N N 431 
WTS O2  H41  sing N N 432 
WTS O4  H42  sing N N 433 
XP5 O1  P1   doub N N 434 
XP5 O2  P1   sing N N 435 
XP5 P1  O3   sing N N 436 
XP5 P1  O4   sing N N 437 
XP5 O3  C1   sing N N 438 
XP5 C1  C2   sing N N 439 
XP5 C2  N1   sing N N 440 
XP5 N1  C3   sing N N 441 
XP5 N1  C4   sing N N 442 
XP5 N1  C5   sing N N 443 
XP5 O4  C6   sing N N 444 
XP5 C6  CAM  sing N N 445 
XP5 C8  O5   sing N N 446 
XP5 C8  CAM  sing N N 447 
XP5 O5  C9   sing N N 448 
XP5 C9  O6   doub N N 449 
XP5 C9  C10  sing N N 450 
XP5 C10 C11  sing N N 451 
XP5 C11 C12  sing N N 452 
XP5 C12 C13  sing N N 453 
XP5 C13 C14  sing N N 454 
XP5 C14 C15  sing N N 455 
XP5 O7  C17  doub N N 456 
XP5 C17 O8   sing N N 457 
XP5 C17 C18  sing N N 458 
XP5 O8  CAM  sing N N 459 
XP5 C18 C19  sing N N 460 
XP5 C19 C20  sing N N 461 
XP5 C20 C21  sing N N 462 
XP5 C21 C22  sing N N 463 
XP5 C22 C23  sing N N 464 
XP5 O2  H2   sing N N 465 
XP5 C1  H11C sing N N 466 
XP5 C1  H12C sing N N 467 
XP5 C2  H21C sing N N 468 
XP5 C2  H22C sing N N 469 
XP5 C3  H31C sing N N 470 
XP5 C3  H32C sing N N 471 
XP5 C3  H33C sing N N 472 
XP5 C4  H41C sing N N 473 
XP5 C4  H42C sing N N 474 
XP5 C4  H43C sing N N 475 
XP5 C5  H51C sing N N 476 
XP5 C5  H52C sing N N 477 
XP5 C5  H53C sing N N 478 
XP5 C6  H61C sing N N 479 
XP5 C6  H62C sing N N 480 
XP5 CAM HAM  sing N N 481 
XP5 C8  H81C sing N N 482 
XP5 C8  H82C sing N N 483 
XP5 C10 H101 sing N N 484 
XP5 C10 H102 sing N N 485 
XP5 C11 H111 sing N N 486 
XP5 C11 H112 sing N N 487 
XP5 C12 H121 sing N N 488 
XP5 C12 H122 sing N N 489 
XP5 C13 H131 sing N N 490 
XP5 C13 H132 sing N N 491 
XP5 C14 H141 sing N N 492 
XP5 C14 H142 sing N N 493 
XP5 C15 H151 sing N N 494 
XP5 C15 H152 sing N N 495 
XP5 C15 H153 sing N N 496 
XP5 C18 H181 sing N N 497 
XP5 C18 H182 sing N N 498 
XP5 C19 H191 sing N N 499 
XP5 C19 H192 sing N N 500 
XP5 C20 H201 sing N N 501 
XP5 C20 H202 sing N N 502 
XP5 C21 H211 sing N N 503 
XP5 C21 H212 sing N N 504 
XP5 C22 H221 sing N N 505 
XP5 C22 H222 sing N N 506 
XP5 C23 H231 sing N N 507 
XP5 C23 H232 sing N N 508 
XP5 C23 H233 sing N N 509 
# 
_pdbx_audit_support.funding_organization   
'National Institutes of Health/National Institute of General Medical Sciences (NIH/NIGMS)' 
_pdbx_audit_support.country                'United States' 
_pdbx_audit_support.grant_number           R01GM108998 
_pdbx_audit_support.ordinal                1 
# 
loop_
_pdbx_entity_instance_feature.ordinal 
_pdbx_entity_instance_feature.comp_id 
_pdbx_entity_instance_feature.asym_id 
_pdbx_entity_instance_feature.seq_num 
_pdbx_entity_instance_feature.auth_comp_id 
_pdbx_entity_instance_feature.auth_asym_id 
_pdbx_entity_instance_feature.auth_seq_num 
_pdbx_entity_instance_feature.feature_type 
_pdbx_entity_instance_feature.details 
1 WTS ? ? WTS ? ? 'SUBJECT OF INVESTIGATION' ? 
2 XP5 ? ? XP5 ? ? 'SUBJECT OF INVESTIGATION' ? 
# 
loop_
_pdbx_entity_nonpoly.entity_id 
_pdbx_entity_nonpoly.name 
_pdbx_entity_nonpoly.comp_id 
2 '(4S,7R)-7-(heptanoyloxy)-4-hydroxy-N,N,N-trimethyl-10-oxo-3,5,9-trioxa-4-phosphahexadecan-1-aminium 4-oxide' XP5 
3 'ZINC ION'                                                                                                    ZN  
4 'Phorbol 12,13-dibutyrate'                                                                                    WTS 
5 water                                                                                                         HOH 
# 
_pdbx_initial_refinement_model.id               1 
_pdbx_initial_refinement_model.entity_id_list   ? 
_pdbx_initial_refinement_model.type             'experimental model' 
_pdbx_initial_refinement_model.source_name      PDB 
_pdbx_initial_refinement_model.accession_code   1PTQ 
_pdbx_initial_refinement_model.details          ? 
# 
_pdbx_struct_assembly_auth_evidence.id                     1 
_pdbx_struct_assembly_auth_evidence.assembly_id            1 
_pdbx_struct_assembly_auth_evidence.experimental_support   'gel filtration' 
_pdbx_struct_assembly_auth_evidence.details                ? 
# 
